data_1V05
# 
_entry.id   1V05 
# 
_audit_conform.dict_name       mmcif_pdbx.dic 
_audit_conform.dict_version    5.391 
_audit_conform.dict_location   http://mmcif.pdb.org/dictionaries/ascii/mmcif_pdbx.dic 
# 
loop_
_database_2.database_id 
_database_2.database_code 
_database_2.pdbx_database_accession 
_database_2.pdbx_DOI 
PDB   1V05         pdb_00001v05 10.2210/pdb1v05/pdb 
PDBE  EBI-14444    ?            ?                   
WWPDB D_1290014444 ?            ?                   
# 
loop_
_pdbx_audit_revision_history.ordinal 
_pdbx_audit_revision_history.data_content_type 
_pdbx_audit_revision_history.major_revision 
_pdbx_audit_revision_history.minor_revision 
_pdbx_audit_revision_history.revision_date 
1 'Structure model' 1 0 2004-11-17 
2 'Structure model' 1 1 2011-05-07 
3 'Structure model' 1 2 2011-07-13 
4 'Structure model' 1 3 2019-07-24 
5 'Structure model' 1 4 2024-05-08 
# 
_pdbx_audit_revision_details.ordinal             1 
_pdbx_audit_revision_details.revision_ordinal    1 
_pdbx_audit_revision_details.data_content_type   'Structure model' 
_pdbx_audit_revision_details.provider            repository 
_pdbx_audit_revision_details.type                'Initial release' 
_pdbx_audit_revision_details.description         ? 
_pdbx_audit_revision_details.details             ? 
# 
loop_
_pdbx_audit_revision_group.ordinal 
_pdbx_audit_revision_group.revision_ordinal 
_pdbx_audit_revision_group.data_content_type 
_pdbx_audit_revision_group.group 
1 2 'Structure model' 'Version format compliance' 
2 3 'Structure model' 'Version format compliance' 
3 4 'Structure model' 'Data collection'           
4 5 'Structure model' 'Data collection'           
5 5 'Structure model' 'Database references'       
6 5 'Structure model' Other                       
# 
loop_
_pdbx_audit_revision_category.ordinal 
_pdbx_audit_revision_category.revision_ordinal 
_pdbx_audit_revision_category.data_content_type 
_pdbx_audit_revision_category.category 
1 4 'Structure model' diffrn_source        
2 5 'Structure model' chem_comp_atom       
3 5 'Structure model' chem_comp_bond       
4 5 'Structure model' database_2           
5 5 'Structure model' pdbx_database_status 
# 
loop_
_pdbx_audit_revision_item.ordinal 
_pdbx_audit_revision_item.revision_ordinal 
_pdbx_audit_revision_item.data_content_type 
_pdbx_audit_revision_item.item 
1 4 'Structure model' '_diffrn_source.pdbx_synchrotron_site' 
2 5 'Structure model' '_database_2.pdbx_DOI'                 
3 5 'Structure model' '_database_2.pdbx_database_accession'  
4 5 'Structure model' '_pdbx_database_status.status_code_sf' 
# 
_pdbx_database_status.status_code                     REL 
_pdbx_database_status.entry_id                        1V05 
_pdbx_database_status.deposit_site                    PDBE 
_pdbx_database_status.process_site                    PDBE 
_pdbx_database_status.SG_entry                        . 
_pdbx_database_status.recvd_initial_deposition_date   2004-03-22 
_pdbx_database_status.pdb_format_compatible           Y 
_pdbx_database_status.status_code_sf                  REL 
_pdbx_database_status.status_code_mr                  ? 
_pdbx_database_status.status_code_cs                  ? 
_pdbx_database_status.methods_development_category    ? 
_pdbx_database_status.status_code_nmr_data            ? 
# 
loop_
_audit_author.name 
_audit_author.pdbx_ordinal 
'Pudas, R.'    1 
'Kiema, T.-R.' 2 
'Ylanne, J.'   3 
# 
_citation.id                        primary 
_citation.title                     'Structural Basis for Vertebrate Filamin Dimerization' 
_citation.journal_abbrev            Structure 
_citation.journal_volume            13 
_citation.page_first                111 
_citation.page_last                 ? 
_citation.year                      2005 
_citation.journal_id_ASTM           STRUE6 
_citation.country                   UK 
_citation.journal_id_ISSN           0969-2126 
_citation.journal_id_CSD            2005 
_citation.book_publisher            ? 
_citation.pdbx_database_id_PubMed   15642266 
_citation.pdbx_database_id_DOI      10.1016/J.STR.2004.10.014 
# 
loop_
_citation_author.citation_id 
_citation_author.name 
_citation_author.ordinal 
_citation_author.identifier_ORCID 
primary 'Pudas, R.'      1 ? 
primary 'Kiema, T.-R.'   2 ? 
primary 'Butler, P.J.G.' 3 ? 
primary 'Stewart, M.'    4 ? 
primary 'Ylanne, J.'     5 ? 
# 
loop_
_entity.id 
_entity.type 
_entity.src_method 
_entity.pdbx_description 
_entity.formula_weight 
_entity.pdbx_number_of_molecules 
_entity.pdbx_ec 
_entity.pdbx_mutation 
_entity.pdbx_fragment 
_entity.details 
1 polymer man 'FILAMIN C' 10382.994 1  ? ? 'ROD DOMAIN, RESIDUES 2633-2725' ? 
2 water   nat water       18.015    73 ? ? ?                                ? 
# 
_entity_name_com.entity_id   1 
_entity_name_com.name        'GAMMA-FILAMIN, FILAMIN 2, PROTEIN FLNC, ABP-L ABP-280-LIKE PROTEIN, ACTIN-BINDIN LIKE PROTEIN' 
# 
_entity_poly.entity_id                      1 
_entity_poly.type                           'polypeptide(L)' 
_entity_poly.nstd_linkage                   no 
_entity_poly.nstd_monomer                   no 
_entity_poly.pdbx_seq_one_letter_code       
;AMGSDASKVVTRGPGLSQAFVGQKNSFTVDCSKAGTNMMMVGVHGPKTPCEEVYVKHMGNRVYNVTYTVKEKGDYILIVK
WGDESVPGSPFKVKVP
;
_entity_poly.pdbx_seq_one_letter_code_can   
;AMGSDASKVVTRGPGLSQAFVGQKNSFTVDCSKAGTNMMMVGVHGPKTPCEEVYVKHMGNRVYNVTYTVKEKGDYILIVK
WGDESVPGSPFKVKVP
;
_entity_poly.pdbx_strand_id                 A 
_entity_poly.pdbx_target_identifier         ? 
# 
_pdbx_entity_nonpoly.entity_id   2 
_pdbx_entity_nonpoly.name        water 
_pdbx_entity_nonpoly.comp_id     HOH 
# 
loop_
_entity_poly_seq.entity_id 
_entity_poly_seq.num 
_entity_poly_seq.mon_id 
_entity_poly_seq.hetero 
1 1  ALA n 
1 2  MET n 
1 3  GLY n 
1 4  SER n 
1 5  ASP n 
1 6  ALA n 
1 7  SER n 
1 8  LYS n 
1 9  VAL n 
1 10 VAL n 
1 11 THR n 
1 12 ARG n 
1 13 GLY n 
1 14 PRO n 
1 15 GLY n 
1 16 LEU n 
1 17 SER n 
1 18 GLN n 
1 19 ALA n 
1 20 PHE n 
1 21 VAL n 
1 22 GLY n 
1 23 GLN n 
1 24 LYS n 
1 25 ASN n 
1 26 SER n 
1 27 PHE n 
1 28 THR n 
1 29 VAL n 
1 30 ASP n 
1 31 CYS n 
1 32 SER n 
1 33 LYS n 
1 34 ALA n 
1 35 GLY n 
1 36 THR n 
1 37 ASN n 
1 38 MET n 
1 39 MET n 
1 40 MET n 
1 41 VAL n 
1 42 GLY n 
1 43 VAL n 
1 44 HIS n 
1 45 GLY n 
1 46 PRO n 
1 47 LYS n 
1 48 THR n 
1 49 PRO n 
1 50 CYS n 
1 51 GLU n 
1 52 GLU n 
1 53 VAL n 
1 54 TYR n 
1 55 VAL n 
1 56 LYS n 
1 57 HIS n 
1 58 MET n 
1 59 GLY n 
1 60 ASN n 
1 61 ARG n 
1 62 VAL n 
1 63 TYR n 
1 64 ASN n 
1 65 VAL n 
1 66 THR n 
1 67 TYR n 
1 68 THR n 
1 69 VAL n 
1 70 LYS n 
1 71 GLU n 
1 72 LYS n 
1 73 GLY n 
1 74 ASP n 
1 75 TYR n 
1 76 ILE n 
1 77 LEU n 
1 78 ILE n 
1 79 VAL n 
1 80 LYS n 
1 81 TRP n 
1 82 GLY n 
1 83 ASP n 
1 84 GLU n 
1 85 SER n 
1 86 VAL n 
1 87 PRO n 
1 88 GLY n 
1 89 SER n 
1 90 PRO n 
1 91 PHE n 
1 92 LYS n 
1 93 VAL n 
1 94 LYS n 
1 95 VAL n 
1 96 PRO n 
# 
_entity_src_gen.entity_id                          1 
_entity_src_gen.pdbx_src_id                        1 
_entity_src_gen.pdbx_alt_source_flag               sample 
_entity_src_gen.pdbx_seq_type                      ? 
_entity_src_gen.pdbx_beg_seq_num                   ? 
_entity_src_gen.pdbx_end_seq_num                   ? 
_entity_src_gen.gene_src_common_name               HUMAN 
_entity_src_gen.gene_src_genus                     ? 
_entity_src_gen.pdbx_gene_src_gene                 ? 
_entity_src_gen.gene_src_species                   ? 
_entity_src_gen.gene_src_strain                    ? 
_entity_src_gen.gene_src_tissue                    ? 
_entity_src_gen.gene_src_tissue_fraction           ? 
_entity_src_gen.gene_src_details                   ? 
_entity_src_gen.pdbx_gene_src_fragment             ? 
_entity_src_gen.pdbx_gene_src_scientific_name      'HOMO SAPIENS' 
_entity_src_gen.pdbx_gene_src_ncbi_taxonomy_id     9606 
_entity_src_gen.pdbx_gene_src_variant              ? 
_entity_src_gen.pdbx_gene_src_cell_line            ? 
_entity_src_gen.pdbx_gene_src_atcc                 ? 
_entity_src_gen.pdbx_gene_src_organ                ? 
_entity_src_gen.pdbx_gene_src_organelle            ? 
_entity_src_gen.pdbx_gene_src_cell                 ? 
_entity_src_gen.pdbx_gene_src_cellular_location    ? 
_entity_src_gen.host_org_common_name               ? 
_entity_src_gen.pdbx_host_org_scientific_name      'ESCHERICHIA COLI' 
_entity_src_gen.pdbx_host_org_ncbi_taxonomy_id     562 
_entity_src_gen.host_org_genus                     ? 
_entity_src_gen.pdbx_host_org_gene                 ? 
_entity_src_gen.pdbx_host_org_organ                ? 
_entity_src_gen.host_org_species                   ? 
_entity_src_gen.pdbx_host_org_tissue               ? 
_entity_src_gen.pdbx_host_org_tissue_fraction      ? 
_entity_src_gen.pdbx_host_org_strain               ? 
_entity_src_gen.pdbx_host_org_variant              ? 
_entity_src_gen.pdbx_host_org_cell_line            ? 
_entity_src_gen.pdbx_host_org_atcc                 ? 
_entity_src_gen.pdbx_host_org_culture_collection   ? 
_entity_src_gen.pdbx_host_org_cell                 ? 
_entity_src_gen.pdbx_host_org_organelle            ? 
_entity_src_gen.pdbx_host_org_cellular_location    ? 
_entity_src_gen.pdbx_host_org_vector_type          ? 
_entity_src_gen.pdbx_host_org_vector               ? 
_entity_src_gen.host_org_details                   ? 
_entity_src_gen.expression_system_id               ? 
_entity_src_gen.plasmid_name                       PET24D 
_entity_src_gen.plasmid_details                    ? 
_entity_src_gen.pdbx_description                   ? 
# 
loop_
_chem_comp.id 
_chem_comp.type 
_chem_comp.mon_nstd_flag 
_chem_comp.name 
_chem_comp.pdbx_synonyms 
_chem_comp.formula 
_chem_comp.formula_weight 
ALA 'L-peptide linking' y ALANINE         ? 'C3 H7 N O2'     89.093  
ARG 'L-peptide linking' y ARGININE        ? 'C6 H15 N4 O2 1' 175.209 
ASN 'L-peptide linking' y ASPARAGINE      ? 'C4 H8 N2 O3'    132.118 
ASP 'L-peptide linking' y 'ASPARTIC ACID' ? 'C4 H7 N O4'     133.103 
CYS 'L-peptide linking' y CYSTEINE        ? 'C3 H7 N O2 S'   121.158 
GLN 'L-peptide linking' y GLUTAMINE       ? 'C5 H10 N2 O3'   146.144 
GLU 'L-peptide linking' y 'GLUTAMIC ACID' ? 'C5 H9 N O4'     147.129 
GLY 'peptide linking'   y GLYCINE         ? 'C2 H5 N O2'     75.067  
HIS 'L-peptide linking' y HISTIDINE       ? 'C6 H10 N3 O2 1' 156.162 
HOH non-polymer         . WATER           ? 'H2 O'           18.015  
ILE 'L-peptide linking' y ISOLEUCINE      ? 'C6 H13 N O2'    131.173 
LEU 'L-peptide linking' y LEUCINE         ? 'C6 H13 N O2'    131.173 
LYS 'L-peptide linking' y LYSINE          ? 'C6 H15 N2 O2 1' 147.195 
MET 'L-peptide linking' y METHIONINE      ? 'C5 H11 N O2 S'  149.211 
PHE 'L-peptide linking' y PHENYLALANINE   ? 'C9 H11 N O2'    165.189 
PRO 'L-peptide linking' y PROLINE         ? 'C5 H9 N O2'     115.130 
SER 'L-peptide linking' y SERINE          ? 'C3 H7 N O3'     105.093 
THR 'L-peptide linking' y THREONINE       ? 'C4 H9 N O3'     119.119 
TRP 'L-peptide linking' y TRYPTOPHAN      ? 'C11 H12 N2 O2'  204.225 
TYR 'L-peptide linking' y TYROSINE        ? 'C9 H11 N O3'    181.189 
VAL 'L-peptide linking' y VALINE          ? 'C5 H11 N O2'    117.146 
# 
loop_
_pdbx_poly_seq_scheme.asym_id 
_pdbx_poly_seq_scheme.entity_id 
_pdbx_poly_seq_scheme.seq_id 
_pdbx_poly_seq_scheme.mon_id 
_pdbx_poly_seq_scheme.ndb_seq_num 
_pdbx_poly_seq_scheme.pdb_seq_num 
_pdbx_poly_seq_scheme.auth_seq_num 
_pdbx_poly_seq_scheme.pdb_mon_id 
_pdbx_poly_seq_scheme.auth_mon_id 
_pdbx_poly_seq_scheme.pdb_strand_id 
_pdbx_poly_seq_scheme.pdb_ins_code 
_pdbx_poly_seq_scheme.hetero 
A 1 1  ALA 1  -3   -3   ALA ALA A . n 
A 1 2  MET 2  -2   -2   MET MET A . n 
A 1 3  GLY 3  -1   -1   GLY GLY A . n 
A 1 4  SER 4  2633 2633 SER SER A . n 
A 1 5  ASP 5  2634 2634 ASP ASP A . n 
A 1 6  ALA 6  2635 2635 ALA ALA A . n 
A 1 7  SER 7  2636 2636 SER SER A . n 
A 1 8  LYS 8  2637 2637 LYS LYS A . n 
A 1 9  VAL 9  2638 2638 VAL VAL A . n 
A 1 10 VAL 10 2639 2639 VAL VAL A . n 
A 1 11 THR 11 2640 2640 THR THR A . n 
A 1 12 ARG 12 2641 2641 ARG ARG A . n 
A 1 13 GLY 13 2642 2642 GLY GLY A . n 
A 1 14 PRO 14 2643 2643 PRO PRO A . n 
A 1 15 GLY 15 2644 2644 GLY GLY A . n 
A 1 16 LEU 16 2645 2645 LEU LEU A . n 
A 1 17 SER 17 2646 2646 SER SER A . n 
A 1 18 GLN 18 2647 2647 GLN GLN A . n 
A 1 19 ALA 19 2648 2648 ALA ALA A . n 
A 1 20 PHE 20 2649 2649 PHE PHE A . n 
A 1 21 VAL 21 2650 2650 VAL VAL A . n 
A 1 22 GLY 22 2651 2651 GLY GLY A . n 
A 1 23 GLN 23 2652 2652 GLN GLN A . n 
A 1 24 LYS 24 2653 2653 LYS LYS A . n 
A 1 25 ASN 25 2654 2654 ASN ASN A . n 
A 1 26 SER 26 2655 2655 SER SER A . n 
A 1 27 PHE 27 2656 2656 PHE PHE A . n 
A 1 28 THR 28 2657 2657 THR THR A . n 
A 1 29 VAL 29 2658 2658 VAL VAL A . n 
A 1 30 ASP 30 2659 2659 ASP ASP A . n 
A 1 31 CYS 31 2660 2660 CYS CYS A . n 
A 1 32 SER 32 2661 2661 SER SER A . n 
A 1 33 LYS 33 2662 2662 LYS LYS A . n 
A 1 34 ALA 34 2663 2663 ALA ALA A . n 
A 1 35 GLY 35 2664 2664 GLY GLY A . n 
A 1 36 THR 36 2665 2665 THR THR A . n 
A 1 37 ASN 37 2666 2666 ASN ASN A . n 
A 1 38 MET 38 2667 2667 MET MET A . n 
A 1 39 MET 39 2668 2668 MET MET A . n 
A 1 40 MET 40 2669 2669 MET MET A . n 
A 1 41 VAL 41 2670 2670 VAL VAL A . n 
A 1 42 GLY 42 2671 2671 GLY GLY A . n 
A 1 43 VAL 43 2672 2672 VAL VAL A . n 
A 1 44 HIS 44 2673 2673 HIS HIS A . n 
A 1 45 GLY 45 2674 2674 GLY GLY A . n 
A 1 46 PRO 46 2675 2675 PRO PRO A . n 
A 1 47 LYS 47 2676 2676 LYS LYS A . n 
A 1 48 THR 48 2677 2677 THR THR A . n 
A 1 49 PRO 49 2678 2678 PRO PRO A . n 
A 1 50 CYS 50 2679 2679 CYS CYS A . n 
A 1 51 GLU 51 2680 2680 GLU GLU A . n 
A 1 52 GLU 52 2681 2681 GLU GLU A . n 
A 1 53 VAL 53 2682 2682 VAL VAL A . n 
A 1 54 TYR 54 2683 2683 TYR TYR A . n 
A 1 55 VAL 55 2684 2684 VAL VAL A . n 
A 1 56 LYS 56 2685 2685 LYS LYS A . n 
A 1 57 HIS 57 2686 2686 HIS HIS A . n 
A 1 58 MET 58 2687 2687 MET MET A . n 
A 1 59 GLY 59 2688 2688 GLY GLY A . n 
A 1 60 ASN 60 2689 2689 ASN ASN A . n 
A 1 61 ARG 61 2690 2690 ARG ARG A . n 
A 1 62 VAL 62 2691 2691 VAL VAL A . n 
A 1 63 TYR 63 2692 2692 TYR TYR A . n 
A 1 64 ASN 64 2693 2693 ASN ASN A . n 
A 1 65 VAL 65 2694 2694 VAL VAL A . n 
A 1 66 THR 66 2695 2695 THR THR A . n 
A 1 67 TYR 67 2696 2696 TYR TYR A . n 
A 1 68 THR 68 2697 2697 THR THR A . n 
A 1 69 VAL 69 2698 2698 VAL VAL A . n 
A 1 70 LYS 70 2699 2699 LYS LYS A . n 
A 1 71 GLU 71 2700 2700 GLU GLU A . n 
A 1 72 LYS 72 2701 2701 LYS LYS A . n 
A 1 73 GLY 73 2702 2702 GLY GLY A . n 
A 1 74 ASP 74 2703 2703 ASP ASP A . n 
A 1 75 TYR 75 2704 2704 TYR TYR A . n 
A 1 76 ILE 76 2705 2705 ILE ILE A . n 
A 1 77 LEU 77 2706 2706 LEU LEU A . n 
A 1 78 ILE 78 2707 2707 ILE ILE A . n 
A 1 79 VAL 79 2708 2708 VAL VAL A . n 
A 1 80 LYS 80 2709 2709 LYS LYS A . n 
A 1 81 TRP 81 2710 2710 TRP TRP A . n 
A 1 82 GLY 82 2711 2711 GLY GLY A . n 
A 1 83 ASP 83 2712 2712 ASP ASP A . n 
A 1 84 GLU 84 2713 2713 GLU GLU A . n 
A 1 85 SER 85 2714 2714 SER SER A . n 
A 1 86 VAL 86 2715 2715 VAL VAL A . n 
A 1 87 PRO 87 2716 2716 PRO PRO A . n 
A 1 88 GLY 88 2717 2717 GLY GLY A . n 
A 1 89 SER 89 2718 2718 SER SER A . n 
A 1 90 PRO 90 2719 2719 PRO PRO A . n 
A 1 91 PHE 91 2720 2720 PHE PHE A . n 
A 1 92 LYS 92 2721 2721 LYS LYS A . n 
A 1 93 VAL 93 2722 2722 VAL VAL A . n 
A 1 94 LYS 94 2723 2723 LYS LYS A . n 
A 1 95 VAL 95 2724 2724 VAL VAL A . n 
A 1 96 PRO 96 2725 2725 PRO PRO A . n 
# 
loop_
_pdbx_nonpoly_scheme.asym_id 
_pdbx_nonpoly_scheme.entity_id 
_pdbx_nonpoly_scheme.mon_id 
_pdbx_nonpoly_scheme.ndb_seq_num 
_pdbx_nonpoly_scheme.pdb_seq_num 
_pdbx_nonpoly_scheme.auth_seq_num 
_pdbx_nonpoly_scheme.pdb_mon_id 
_pdbx_nonpoly_scheme.auth_mon_id 
_pdbx_nonpoly_scheme.pdb_strand_id 
_pdbx_nonpoly_scheme.pdb_ins_code 
B 2 HOH 1  2001 2001 HOH HOH A . 
B 2 HOH 2  2002 2002 HOH HOH A . 
B 2 HOH 3  2003 2003 HOH HOH A . 
B 2 HOH 4  2004 2004 HOH HOH A . 
B 2 HOH 5  2005 2005 HOH HOH A . 
B 2 HOH 6  2006 2006 HOH HOH A . 
B 2 HOH 7  2007 2007 HOH HOH A . 
B 2 HOH 8  2008 2008 HOH HOH A . 
B 2 HOH 9  2009 2009 HOH HOH A . 
B 2 HOH 10 2010 2010 HOH HOH A . 
B 2 HOH 11 2011 2011 HOH HOH A . 
B 2 HOH 12 2012 2012 HOH HOH A . 
B 2 HOH 13 2013 2013 HOH HOH A . 
B 2 HOH 14 2014 2014 HOH HOH A . 
B 2 HOH 15 2015 2015 HOH HOH A . 
B 2 HOH 16 2016 2016 HOH HOH A . 
B 2 HOH 17 2017 2017 HOH HOH A . 
B 2 HOH 18 2018 2018 HOH HOH A . 
B 2 HOH 19 2019 2019 HOH HOH A . 
B 2 HOH 20 2020 2020 HOH HOH A . 
B 2 HOH 21 2021 2021 HOH HOH A . 
B 2 HOH 22 2022 2022 HOH HOH A . 
B 2 HOH 23 2023 2023 HOH HOH A . 
B 2 HOH 24 2024 2024 HOH HOH A . 
B 2 HOH 25 2025 2025 HOH HOH A . 
B 2 HOH 26 2026 2026 HOH HOH A . 
B 2 HOH 27 2027 2027 HOH HOH A . 
B 2 HOH 28 2028 2028 HOH HOH A . 
B 2 HOH 29 2029 2029 HOH HOH A . 
B 2 HOH 30 2030 2030 HOH HOH A . 
B 2 HOH 31 2031 2031 HOH HOH A . 
B 2 HOH 32 2032 2032 HOH HOH A . 
B 2 HOH 33 2033 2033 HOH HOH A . 
B 2 HOH 34 2034 2034 HOH HOH A . 
B 2 HOH 35 2035 2035 HOH HOH A . 
B 2 HOH 36 2036 2036 HOH HOH A . 
B 2 HOH 37 2037 2037 HOH HOH A . 
B 2 HOH 38 2038 2038 HOH HOH A . 
B 2 HOH 39 2039 2039 HOH HOH A . 
B 2 HOH 40 2040 2040 HOH HOH A . 
B 2 HOH 41 2041 2041 HOH HOH A . 
B 2 HOH 42 2042 2042 HOH HOH A . 
B 2 HOH 43 2043 2043 HOH HOH A . 
B 2 HOH 44 2044 2044 HOH HOH A . 
B 2 HOH 45 2045 2045 HOH HOH A . 
B 2 HOH 46 2046 2046 HOH HOH A . 
B 2 HOH 47 2047 2047 HOH HOH A . 
B 2 HOH 48 2048 2048 HOH HOH A . 
B 2 HOH 49 2049 2049 HOH HOH A . 
B 2 HOH 50 2050 2050 HOH HOH A . 
B 2 HOH 51 2051 2051 HOH HOH A . 
B 2 HOH 52 2052 2052 HOH HOH A . 
B 2 HOH 53 2053 2053 HOH HOH A . 
B 2 HOH 54 2054 2054 HOH HOH A . 
B 2 HOH 55 2055 2055 HOH HOH A . 
B 2 HOH 56 2056 2056 HOH HOH A . 
B 2 HOH 57 2057 2057 HOH HOH A . 
B 2 HOH 58 2058 2058 HOH HOH A . 
B 2 HOH 59 2059 2059 HOH HOH A . 
B 2 HOH 60 2060 2060 HOH HOH A . 
B 2 HOH 61 2061 2061 HOH HOH A . 
B 2 HOH 62 2062 2062 HOH HOH A . 
B 2 HOH 63 2063 2063 HOH HOH A . 
B 2 HOH 64 2064 2064 HOH HOH A . 
B 2 HOH 65 2065 2065 HOH HOH A . 
B 2 HOH 66 2066 2066 HOH HOH A . 
B 2 HOH 67 2067 2067 HOH HOH A . 
B 2 HOH 68 2068 2068 HOH HOH A . 
B 2 HOH 69 2069 2069 HOH HOH A . 
B 2 HOH 70 2070 2070 HOH HOH A . 
B 2 HOH 71 2071 2071 HOH HOH A . 
B 2 HOH 72 2072 2072 HOH HOH A . 
B 2 HOH 73 2073 2073 HOH HOH A . 
# 
loop_
_software.name 
_software.classification 
_software.version 
_software.citation_id 
_software.pdbx_ordinal 
REFMAC refinement       . ? 1 
XDS    'data reduction' . ? 2 
XDS    'data scaling'   . ? 3 
CNS    phasing          . ? 4 
# 
_cell.entry_id           1V05 
_cell.length_a           48.099 
_cell.length_b           48.099 
_cell.length_c           117.485 
_cell.angle_alpha        90.00 
_cell.angle_beta         90.00 
_cell.angle_gamma        120.00 
_cell.Z_PDB              12 
_cell.pdbx_unique_axis   ? 
# 
_symmetry.entry_id                         1V05 
_symmetry.space_group_name_H-M             'P 61 2 2' 
_symmetry.pdbx_full_space_group_name_H-M   ? 
_symmetry.cell_setting                     ? 
_symmetry.Int_Tables_number                178 
# 
_exptl.entry_id          1V05 
_exptl.method            'X-RAY DIFFRACTION' 
_exptl.crystals_number   1 
# 
_exptl_crystal.id                    1 
_exptl_crystal.density_meas          ? 
_exptl_crystal.density_Matthews      1.9 
_exptl_crystal.density_percent_sol   34 
_exptl_crystal.description           ? 
# 
_exptl_crystal_grow.crystal_id      1 
_exptl_crystal_grow.method          ? 
_exptl_crystal_grow.temp            ? 
_exptl_crystal_grow.temp_details    ? 
_exptl_crystal_grow.pH              7.50 
_exptl_crystal_grow.pdbx_pH_range   ? 
_exptl_crystal_grow.pdbx_details    '1.6M NA CITRATE, 0.1M HEPES, PH7.5, pH 7.50' 
# 
_diffrn.id                     1 
_diffrn.ambient_temp           100.0 
_diffrn.ambient_temp_details   ? 
_diffrn.crystal_id             1 
# 
_diffrn_detector.diffrn_id              1 
_diffrn_detector.detector               CCD 
_diffrn_detector.type                   MARRESEARCH 
_diffrn_detector.pdbx_collection_date   2002-11-15 
_diffrn_detector.details                'BENT MIRROR' 
# 
_diffrn_radiation.diffrn_id                        1 
_diffrn_radiation.wavelength_id                    1 
_diffrn_radiation.pdbx_monochromatic_or_laue_m_l   M 
_diffrn_radiation.monochromator                    TRIANGULAR 
_diffrn_radiation.pdbx_diffrn_protocol             'SINGLE WAVELENGTH' 
_diffrn_radiation.pdbx_scattering_type             x-ray 
# 
_diffrn_radiation_wavelength.id           1 
_diffrn_radiation_wavelength.wavelength   0.8020 
_diffrn_radiation_wavelength.wt           1.0 
# 
_diffrn_source.diffrn_id                   1 
_diffrn_source.source                      SYNCHROTRON 
_diffrn_source.type                        'EMBL/DESY, HAMBURG BEAMLINE X13' 
_diffrn_source.pdbx_synchrotron_site       'EMBL/DESY, HAMBURG' 
_diffrn_source.pdbx_synchrotron_beamline   X13 
_diffrn_source.pdbx_wavelength             0.8020 
_diffrn_source.pdbx_wavelength_list        ? 
# 
_reflns.pdbx_diffrn_id               1 
_reflns.pdbx_ordinal                 1 
_reflns.entry_id                     1V05 
_reflns.observed_criterion_sigma_I   ? 
_reflns.observed_criterion_sigma_F   ? 
_reflns.d_resolution_low             20.000 
_reflns.d_resolution_high            1.430 
_reflns.number_obs                   15602 
_reflns.number_all                   ? 
_reflns.percent_possible_obs         99.8 
_reflns.pdbx_Rmerge_I_obs            0.03700 
_reflns.pdbx_Rsym_value              ? 
_reflns.pdbx_netI_over_sigmaI        42.0000 
_reflns.B_iso_Wilson_estimate        19.177 
_reflns.pdbx_redundancy              16.000 
# 
_reflns_shell.pdbx_diffrn_id         1 
_reflns_shell.pdbx_ordinal           1 
_reflns_shell.d_res_high             1.43 
_reflns_shell.d_res_low              1.53 
_reflns_shell.percent_possible_all   100.0 
_reflns_shell.Rmerge_I_obs           0.22500 
_reflns_shell.pdbx_Rsym_value        ? 
_reflns_shell.meanI_over_sigI_obs    13.000 
_reflns_shell.pdbx_redundancy        ? 
# 
_refine.pdbx_refine_id                           'X-RAY DIFFRACTION' 
_refine.entry_id                                 1V05 
_refine.pdbx_diffrn_id                           1 
_refine.pdbx_TLS_residual_ADP_flag               ? 
_refine.ls_number_reflns_obs                     14038 
_refine.ls_number_reflns_all                     ? 
_refine.pdbx_ls_sigma_I                          ? 
_refine.pdbx_ls_sigma_F                          ? 
_refine.pdbx_data_cutoff_high_absF               ? 
_refine.pdbx_data_cutoff_low_absF                ? 
_refine.pdbx_data_cutoff_high_rms_absF           ? 
_refine.ls_d_res_low                             17.73 
_refine.ls_d_res_high                            1.43 
_refine.ls_percent_reflns_obs                    100 
_refine.ls_R_factor_obs                          0.18771 
_refine.ls_R_factor_all                          ? 
_refine.ls_R_factor_R_work                       0.18579 
_refine.ls_R_factor_R_free                       0.20498 
_refine.ls_R_factor_R_free_error                 ? 
_refine.ls_R_factor_R_free_error_details         ? 
_refine.ls_percent_reflns_R_free                 10.0 
_refine.ls_number_reflns_R_free                  1560 
_refine.ls_number_parameters                     ? 
_refine.ls_number_restraints                     ? 
_refine.occupancy_min                            ? 
_refine.occupancy_max                            ? 
_refine.correlation_coeff_Fo_to_Fc               ? 
_refine.correlation_coeff_Fo_to_Fc_free          ? 
_refine.B_iso_mean                               13.273 
_refine.aniso_B[1][1]                            0.01 
_refine.aniso_B[2][2]                            0.01 
_refine.aniso_B[3][3]                            -0.01 
_refine.aniso_B[1][2]                            0.00 
_refine.aniso_B[1][3]                            0.00 
_refine.aniso_B[2][3]                            0.00 
_refine.solvent_model_details                    ? 
_refine.solvent_model_param_ksol                 ? 
_refine.solvent_model_param_bsol                 ? 
_refine.pdbx_solvent_vdw_probe_radii             ? 
_refine.pdbx_solvent_ion_probe_radii             ? 
_refine.pdbx_solvent_shrinkage_radii             ? 
_refine.pdbx_ls_cross_valid_method               THROUGHOUT 
_refine.details                                  'HYDROGENS HAVE BEEN ADDED IN THE RIDING POSITIONS' 
_refine.pdbx_starting_model                      ? 
_refine.pdbx_method_to_determine_struct          OTHER 
_refine.pdbx_isotropic_thermal_model             ? 
_refine.pdbx_stereochemistry_target_values       ? 
_refine.pdbx_stereochem_target_val_spec_case     ? 
_refine.pdbx_R_Free_selection_details            RANDOM 
_refine.pdbx_overall_ESU_R                       0.075 
_refine.pdbx_overall_ESU_R_Free                  0.073 
_refine.overall_SU_ML                            0.043 
_refine.pdbx_overall_phase_error                 ? 
_refine.overall_SU_B                             1.061 
_refine.overall_SU_R_Cruickshank_DPI             ? 
_refine.pdbx_overall_SU_R_free_Cruickshank_DPI   ? 
_refine.pdbx_overall_SU_R_Blow_DPI               ? 
_refine.pdbx_overall_SU_R_free_Blow_DPI          ? 
# 
_refine_hist.pdbx_refine_id                   'X-RAY DIFFRACTION' 
_refine_hist.cycle_id                         LAST 
_refine_hist.pdbx_number_atoms_protein        725 
_refine_hist.pdbx_number_atoms_nucleic_acid   0 
_refine_hist.pdbx_number_atoms_ligand         0 
_refine_hist.number_atoms_solvent             73 
_refine_hist.number_atoms_total               798 
_refine_hist.d_res_high                       1.43 
_refine_hist.d_res_low                        17.73 
# 
_struct.entry_id                  1V05 
_struct.title                     'Dimerization of human Filamin C: crystal structure of the domain 24' 
_struct.pdbx_model_details        ? 
_struct.pdbx_CASP_flag            ? 
_struct.pdbx_model_type_details   ? 
# 
_struct_keywords.entry_id        1V05 
_struct_keywords.pdbx_keywords   'ACTIN-BINDING PROTEIN' 
_struct_keywords.text            'ACTIN-BINDING PROTEIN, IMMUNOGLOBULIN' 
# 
loop_
_struct_asym.id 
_struct_asym.pdbx_blank_PDB_chainid_flag 
_struct_asym.pdbx_modified 
_struct_asym.entity_id 
_struct_asym.details 
A N N 1 ? 
B N N 2 ? 
# 
loop_
_struct_ref.id 
_struct_ref.db_name 
_struct_ref.db_code 
_struct_ref.entity_id 
_struct_ref.pdbx_seq_one_letter_code 
_struct_ref.pdbx_align_begin 
_struct_ref.pdbx_db_accession 
_struct_ref.pdbx_db_isoform 
1 PDB 1V05       1 ? ? 1V05   ? 
2 UNP FLNC_HUMAN 1 ? ? Q14315 ? 
# 
loop_
_struct_ref_seq.align_id 
_struct_ref_seq.ref_id 
_struct_ref_seq.pdbx_PDB_id_code 
_struct_ref_seq.pdbx_strand_id 
_struct_ref_seq.seq_align_beg 
_struct_ref_seq.pdbx_seq_align_beg_ins_code 
_struct_ref_seq.seq_align_end 
_struct_ref_seq.pdbx_seq_align_end_ins_code 
_struct_ref_seq.pdbx_db_accession 
_struct_ref_seq.db_align_beg 
_struct_ref_seq.pdbx_db_align_beg_ins_code 
_struct_ref_seq.db_align_end 
_struct_ref_seq.pdbx_db_align_end_ins_code 
_struct_ref_seq.pdbx_auth_seq_align_beg 
_struct_ref_seq.pdbx_auth_seq_align_end 
1 1 1V05 A 1 ? 3  ? 1V05   -3   ? -1   ? -3   -1   
2 2 1V05 A 4 ? 96 ? Q14315 2633 ? 2725 ? 2633 2725 
# 
_pdbx_struct_assembly.id                   1 
_pdbx_struct_assembly.details              author_and_software_defined_assembly 
_pdbx_struct_assembly.method_details       PQS 
_pdbx_struct_assembly.oligomeric_details   dimeric 
_pdbx_struct_assembly.oligomeric_count     2 
# 
_pdbx_struct_assembly_gen.assembly_id       1 
_pdbx_struct_assembly_gen.oper_expression   1,2 
_pdbx_struct_assembly_gen.asym_id_list      A,B 
# 
loop_
_pdbx_struct_oper_list.id 
_pdbx_struct_oper_list.type 
_pdbx_struct_oper_list.name 
_pdbx_struct_oper_list.symmetry_operation 
_pdbx_struct_oper_list.matrix[1][1] 
_pdbx_struct_oper_list.matrix[1][2] 
_pdbx_struct_oper_list.matrix[1][3] 
_pdbx_struct_oper_list.vector[1] 
_pdbx_struct_oper_list.matrix[2][1] 
_pdbx_struct_oper_list.matrix[2][2] 
_pdbx_struct_oper_list.matrix[2][3] 
_pdbx_struct_oper_list.vector[2] 
_pdbx_struct_oper_list.matrix[3][1] 
_pdbx_struct_oper_list.matrix[3][2] 
_pdbx_struct_oper_list.matrix[3][3] 
_pdbx_struct_oper_list.vector[3] 
1 'identity operation'         1_555  x,y,z        1.0000000000  0.0000000000 0.0000000000  0.0000000000  0.0000000000 1.0000000000  0.0000000000  0.0000000000 0.0000000000  0.0000000000  1.0000000000 0.0000000000 
2 'crystal symmetry operation' 12_555 x,x-y,-z+1/6 -0.7368098115 0.2778161548 -0.6163842031 14.7183295783 0.2778161548 -0.7067450869 -0.6506378150 1.0562672309 -0.6163842031 -0.6506378150 0.4435548983 6.7606665072 
# 
_struct_biol.id   1 
# 
loop_
_struct_conf.conf_type_id 
_struct_conf.id 
_struct_conf.pdbx_PDB_helix_id 
_struct_conf.beg_label_comp_id 
_struct_conf.beg_label_asym_id 
_struct_conf.beg_label_seq_id 
_struct_conf.pdbx_beg_PDB_ins_code 
_struct_conf.end_label_comp_id 
_struct_conf.end_label_asym_id 
_struct_conf.end_label_seq_id 
_struct_conf.pdbx_end_PDB_ins_code 
_struct_conf.beg_auth_comp_id 
_struct_conf.beg_auth_asym_id 
_struct_conf.beg_auth_seq_id 
_struct_conf.end_auth_comp_id 
_struct_conf.end_auth_asym_id 
_struct_conf.end_auth_seq_id 
_struct_conf.pdbx_PDB_helix_class 
_struct_conf.details 
_struct_conf.pdbx_PDB_helix_length 
HELX_P HELX_P1 1 ASP A 5  ? VAL A 9  ? ASP A 2634 VAL A 2638 5 ? 5 
HELX_P HELX_P2 2 GLY A 13 ? SER A 17 ? GLY A 2642 SER A 2646 5 ? 5 
# 
_struct_conf_type.id          HELX_P 
_struct_conf_type.criteria    ? 
_struct_conf_type.reference   ? 
# 
_struct_mon_prot_cis.pdbx_id                1 
_struct_mon_prot_cis.label_comp_id          SER 
_struct_mon_prot_cis.label_seq_id           89 
_struct_mon_prot_cis.label_asym_id          A 
_struct_mon_prot_cis.label_alt_id           . 
_struct_mon_prot_cis.pdbx_PDB_ins_code      ? 
_struct_mon_prot_cis.auth_comp_id           SER 
_struct_mon_prot_cis.auth_seq_id            2718 
_struct_mon_prot_cis.auth_asym_id           A 
_struct_mon_prot_cis.pdbx_label_comp_id_2   PRO 
_struct_mon_prot_cis.pdbx_label_seq_id_2    90 
_struct_mon_prot_cis.pdbx_label_asym_id_2   A 
_struct_mon_prot_cis.pdbx_PDB_ins_code_2    ? 
_struct_mon_prot_cis.pdbx_auth_comp_id_2    PRO 
_struct_mon_prot_cis.pdbx_auth_seq_id_2     2719 
_struct_mon_prot_cis.pdbx_auth_asym_id_2    A 
_struct_mon_prot_cis.pdbx_PDB_model_num     1 
_struct_mon_prot_cis.pdbx_omega_angle       1.89 
# 
loop_
_struct_sheet.id 
_struct_sheet.type 
_struct_sheet.number_strands 
_struct_sheet.details 
AA ? 4 ? 
AB ? 3 ? 
AC ? 3 ? 
# 
loop_
_struct_sheet_order.sheet_id 
_struct_sheet_order.range_id_1 
_struct_sheet_order.range_id_2 
_struct_sheet_order.offset 
_struct_sheet_order.sense 
AA 1 2 ? anti-parallel 
AA 2 3 ? anti-parallel 
AA 3 4 ? anti-parallel 
AB 1 2 ? anti-parallel 
AB 2 3 ? anti-parallel 
AC 1 2 ? anti-parallel 
AC 2 3 ? anti-parallel 
# 
loop_
_struct_sheet_range.sheet_id 
_struct_sheet_range.id 
_struct_sheet_range.beg_label_comp_id 
_struct_sheet_range.beg_label_asym_id 
_struct_sheet_range.beg_label_seq_id 
_struct_sheet_range.pdbx_beg_PDB_ins_code 
_struct_sheet_range.end_label_comp_id 
_struct_sheet_range.end_label_asym_id 
_struct_sheet_range.end_label_seq_id 
_struct_sheet_range.pdbx_end_PDB_ins_code 
_struct_sheet_range.beg_auth_comp_id 
_struct_sheet_range.beg_auth_asym_id 
_struct_sheet_range.beg_auth_seq_id 
_struct_sheet_range.end_auth_comp_id 
_struct_sheet_range.end_auth_asym_id 
_struct_sheet_range.end_auth_seq_id 
AA 1 VAL A 10 ? ARG A 12 ? VAL A 2639 ARG A 2641 
AA 2 ASN A 25 ? ASP A 30 ? ASN A 2654 ASP A 2659 
AA 3 VAL A 62 ? THR A 68 ? VAL A 2691 THR A 2697 
AA 4 GLU A 52 ? HIS A 57 ? GLU A 2681 HIS A 2686 
AB 1 MET A 39 ? HIS A 44 ? MET A 2668 HIS A 2673 
AB 2 GLY A 73 ? TRP A 81 ? GLY A 2702 TRP A 2710 
AB 3 PHE A 91 ? VAL A 95 ? PHE A 2720 VAL A 2724 
AC 1 MET A 39 ? HIS A 44 ? MET A 2668 HIS A 2673 
AC 2 GLY A 73 ? TRP A 81 ? GLY A 2702 TRP A 2710 
AC 3 GLU A 84 ? SER A 85 ? GLU A 2713 SER A 2714 
# 
loop_
_pdbx_struct_sheet_hbond.sheet_id 
_pdbx_struct_sheet_hbond.range_id_1 
_pdbx_struct_sheet_hbond.range_id_2 
_pdbx_struct_sheet_hbond.range_1_label_atom_id 
_pdbx_struct_sheet_hbond.range_1_label_comp_id 
_pdbx_struct_sheet_hbond.range_1_label_asym_id 
_pdbx_struct_sheet_hbond.range_1_label_seq_id 
_pdbx_struct_sheet_hbond.range_1_PDB_ins_code 
_pdbx_struct_sheet_hbond.range_1_auth_atom_id 
_pdbx_struct_sheet_hbond.range_1_auth_comp_id 
_pdbx_struct_sheet_hbond.range_1_auth_asym_id 
_pdbx_struct_sheet_hbond.range_1_auth_seq_id 
_pdbx_struct_sheet_hbond.range_2_label_atom_id 
_pdbx_struct_sheet_hbond.range_2_label_comp_id 
_pdbx_struct_sheet_hbond.range_2_label_asym_id 
_pdbx_struct_sheet_hbond.range_2_label_seq_id 
_pdbx_struct_sheet_hbond.range_2_PDB_ins_code 
_pdbx_struct_sheet_hbond.range_2_auth_atom_id 
_pdbx_struct_sheet_hbond.range_2_auth_comp_id 
_pdbx_struct_sheet_hbond.range_2_auth_asym_id 
_pdbx_struct_sheet_hbond.range_2_auth_seq_id 
AA 1 2 N ARG A 12 ? N ARG A 2641 O THR A 28 ? O THR A 2657 
AA 2 3 N VAL A 29 ? N VAL A 2658 O TYR A 63 ? O TYR A 2692 
AA 3 4 N THR A 68 ? N THR A 2697 O GLU A 52 ? O GLU A 2681 
AB 1 2 N HIS A 44 ? N HIS A 2673 O ILE A 76 ? O ILE A 2705 
AB 2 3 N LEU A 77 ? N LEU A 2706 O PHE A 91 ? O PHE A 2720 
AC 1 2 N HIS A 44 ? N HIS A 2673 O ILE A 76 ? O ILE A 2705 
AC 2 3 N TRP A 81 ? N TRP A 2710 O GLU A 84 ? O GLU A 2713 
# 
_pdbx_validate_close_contact.id               1 
_pdbx_validate_close_contact.PDB_model_num    1 
_pdbx_validate_close_contact.auth_atom_id_1   ND2 
_pdbx_validate_close_contact.auth_asym_id_1   A 
_pdbx_validate_close_contact.auth_comp_id_1   ASN 
_pdbx_validate_close_contact.auth_seq_id_1    2693 
_pdbx_validate_close_contact.PDB_ins_code_1   ? 
_pdbx_validate_close_contact.label_alt_id_1   ? 
_pdbx_validate_close_contact.auth_atom_id_2   O 
_pdbx_validate_close_contact.auth_asym_id_2   A 
_pdbx_validate_close_contact.auth_comp_id_2   HOH 
_pdbx_validate_close_contact.auth_seq_id_2    2048 
_pdbx_validate_close_contact.PDB_ins_code_2   ? 
_pdbx_validate_close_contact.label_alt_id_2   ? 
_pdbx_validate_close_contact.dist             2.02 
# 
_pdbx_validate_rmsd_bond.id                        1 
_pdbx_validate_rmsd_bond.PDB_model_num             1 
_pdbx_validate_rmsd_bond.auth_atom_id_1            SD 
_pdbx_validate_rmsd_bond.auth_asym_id_1            A 
_pdbx_validate_rmsd_bond.auth_comp_id_1            MET 
_pdbx_validate_rmsd_bond.auth_seq_id_1             -2 
_pdbx_validate_rmsd_bond.PDB_ins_code_1            ? 
_pdbx_validate_rmsd_bond.label_alt_id_1            ? 
_pdbx_validate_rmsd_bond.auth_atom_id_2            CE 
_pdbx_validate_rmsd_bond.auth_asym_id_2            A 
_pdbx_validate_rmsd_bond.auth_comp_id_2            MET 
_pdbx_validate_rmsd_bond.auth_seq_id_2             -2 
_pdbx_validate_rmsd_bond.PDB_ins_code_2            ? 
_pdbx_validate_rmsd_bond.label_alt_id_2            ? 
_pdbx_validate_rmsd_bond.bond_value                1.311 
_pdbx_validate_rmsd_bond.bond_target_value         1.774 
_pdbx_validate_rmsd_bond.bond_deviation            -0.463 
_pdbx_validate_rmsd_bond.bond_standard_deviation   0.056 
_pdbx_validate_rmsd_bond.linker_flag               N 
# 
_pdbx_database_remark.id     700 
_pdbx_database_remark.text   
;
SHEET
THE SHEET STRUCTURE OF THIS MOLECULE IS BIFURCATED. IN
ORDER TO REPRESENT THIS FEATURE IN THE SHEET RECORDS BELOW,
TWO SHEETS ARE DEFINED.
;
# 
loop_
_chem_comp_atom.comp_id 
_chem_comp_atom.atom_id 
_chem_comp_atom.type_symbol 
_chem_comp_atom.pdbx_aromatic_flag 
_chem_comp_atom.pdbx_stereo_config 
_chem_comp_atom.pdbx_ordinal 
ALA N    N N N 1   
ALA CA   C N S 2   
ALA C    C N N 3   
ALA O    O N N 4   
ALA CB   C N N 5   
ALA OXT  O N N 6   
ALA H    H N N 7   
ALA H2   H N N 8   
ALA HA   H N N 9   
ALA HB1  H N N 10  
ALA HB2  H N N 11  
ALA HB3  H N N 12  
ALA HXT  H N N 13  
ARG N    N N N 14  
ARG CA   C N S 15  
ARG C    C N N 16  
ARG O    O N N 17  
ARG CB   C N N 18  
ARG CG   C N N 19  
ARG CD   C N N 20  
ARG NE   N N N 21  
ARG CZ   C N N 22  
ARG NH1  N N N 23  
ARG NH2  N N N 24  
ARG OXT  O N N 25  
ARG H    H N N 26  
ARG H2   H N N 27  
ARG HA   H N N 28  
ARG HB2  H N N 29  
ARG HB3  H N N 30  
ARG HG2  H N N 31  
ARG HG3  H N N 32  
ARG HD2  H N N 33  
ARG HD3  H N N 34  
ARG HE   H N N 35  
ARG HH11 H N N 36  
ARG HH12 H N N 37  
ARG HH21 H N N 38  
ARG HH22 H N N 39  
ARG HXT  H N N 40  
ASN N    N N N 41  
ASN CA   C N S 42  
ASN C    C N N 43  
ASN O    O N N 44  
ASN CB   C N N 45  
ASN CG   C N N 46  
ASN OD1  O N N 47  
ASN ND2  N N N 48  
ASN OXT  O N N 49  
ASN H    H N N 50  
ASN H2   H N N 51  
ASN HA   H N N 52  
ASN HB2  H N N 53  
ASN HB3  H N N 54  
ASN HD21 H N N 55  
ASN HD22 H N N 56  
ASN HXT  H N N 57  
ASP N    N N N 58  
ASP CA   C N S 59  
ASP C    C N N 60  
ASP O    O N N 61  
ASP CB   C N N 62  
ASP CG   C N N 63  
ASP OD1  O N N 64  
ASP OD2  O N N 65  
ASP OXT  O N N 66  
ASP H    H N N 67  
ASP H2   H N N 68  
ASP HA   H N N 69  
ASP HB2  H N N 70  
ASP HB3  H N N 71  
ASP HD2  H N N 72  
ASP HXT  H N N 73  
CYS N    N N N 74  
CYS CA   C N R 75  
CYS C    C N N 76  
CYS O    O N N 77  
CYS CB   C N N 78  
CYS SG   S N N 79  
CYS OXT  O N N 80  
CYS H    H N N 81  
CYS H2   H N N 82  
CYS HA   H N N 83  
CYS HB2  H N N 84  
CYS HB3  H N N 85  
CYS HG   H N N 86  
CYS HXT  H N N 87  
GLN N    N N N 88  
GLN CA   C N S 89  
GLN C    C N N 90  
GLN O    O N N 91  
GLN CB   C N N 92  
GLN CG   C N N 93  
GLN CD   C N N 94  
GLN OE1  O N N 95  
GLN NE2  N N N 96  
GLN OXT  O N N 97  
GLN H    H N N 98  
GLN H2   H N N 99  
GLN HA   H N N 100 
GLN HB2  H N N 101 
GLN HB3  H N N 102 
GLN HG2  H N N 103 
GLN HG3  H N N 104 
GLN HE21 H N N 105 
GLN HE22 H N N 106 
GLN HXT  H N N 107 
GLU N    N N N 108 
GLU CA   C N S 109 
GLU C    C N N 110 
GLU O    O N N 111 
GLU CB   C N N 112 
GLU CG   C N N 113 
GLU CD   C N N 114 
GLU OE1  O N N 115 
GLU OE2  O N N 116 
GLU OXT  O N N 117 
GLU H    H N N 118 
GLU H2   H N N 119 
GLU HA   H N N 120 
GLU HB2  H N N 121 
GLU HB3  H N N 122 
GLU HG2  H N N 123 
GLU HG3  H N N 124 
GLU HE2  H N N 125 
GLU HXT  H N N 126 
GLY N    N N N 127 
GLY CA   C N N 128 
GLY C    C N N 129 
GLY O    O N N 130 
GLY OXT  O N N 131 
GLY H    H N N 132 
GLY H2   H N N 133 
GLY HA2  H N N 134 
GLY HA3  H N N 135 
GLY HXT  H N N 136 
HIS N    N N N 137 
HIS CA   C N S 138 
HIS C    C N N 139 
HIS O    O N N 140 
HIS CB   C N N 141 
HIS CG   C Y N 142 
HIS ND1  N Y N 143 
HIS CD2  C Y N 144 
HIS CE1  C Y N 145 
HIS NE2  N Y N 146 
HIS OXT  O N N 147 
HIS H    H N N 148 
HIS H2   H N N 149 
HIS HA   H N N 150 
HIS HB2  H N N 151 
HIS HB3  H N N 152 
HIS HD1  H N N 153 
HIS HD2  H N N 154 
HIS HE1  H N N 155 
HIS HE2  H N N 156 
HIS HXT  H N N 157 
HOH O    O N N 158 
HOH H1   H N N 159 
HOH H2   H N N 160 
ILE N    N N N 161 
ILE CA   C N S 162 
ILE C    C N N 163 
ILE O    O N N 164 
ILE CB   C N S 165 
ILE CG1  C N N 166 
ILE CG2  C N N 167 
ILE CD1  C N N 168 
ILE OXT  O N N 169 
ILE H    H N N 170 
ILE H2   H N N 171 
ILE HA   H N N 172 
ILE HB   H N N 173 
ILE HG12 H N N 174 
ILE HG13 H N N 175 
ILE HG21 H N N 176 
ILE HG22 H N N 177 
ILE HG23 H N N 178 
ILE HD11 H N N 179 
ILE HD12 H N N 180 
ILE HD13 H N N 181 
ILE HXT  H N N 182 
LEU N    N N N 183 
LEU CA   C N S 184 
LEU C    C N N 185 
LEU O    O N N 186 
LEU CB   C N N 187 
LEU CG   C N N 188 
LEU CD1  C N N 189 
LEU CD2  C N N 190 
LEU OXT  O N N 191 
LEU H    H N N 192 
LEU H2   H N N 193 
LEU HA   H N N 194 
LEU HB2  H N N 195 
LEU HB3  H N N 196 
LEU HG   H N N 197 
LEU HD11 H N N 198 
LEU HD12 H N N 199 
LEU HD13 H N N 200 
LEU HD21 H N N 201 
LEU HD22 H N N 202 
LEU HD23 H N N 203 
LEU HXT  H N N 204 
LYS N    N N N 205 
LYS CA   C N S 206 
LYS C    C N N 207 
LYS O    O N N 208 
LYS CB   C N N 209 
LYS CG   C N N 210 
LYS CD   C N N 211 
LYS CE   C N N 212 
LYS NZ   N N N 213 
LYS OXT  O N N 214 
LYS H    H N N 215 
LYS H2   H N N 216 
LYS HA   H N N 217 
LYS HB2  H N N 218 
LYS HB3  H N N 219 
LYS HG2  H N N 220 
LYS HG3  H N N 221 
LYS HD2  H N N 222 
LYS HD3  H N N 223 
LYS HE2  H N N 224 
LYS HE3  H N N 225 
LYS HZ1  H N N 226 
LYS HZ2  H N N 227 
LYS HZ3  H N N 228 
LYS HXT  H N N 229 
MET N    N N N 230 
MET CA   C N S 231 
MET C    C N N 232 
MET O    O N N 233 
MET CB   C N N 234 
MET CG   C N N 235 
MET SD   S N N 236 
MET CE   C N N 237 
MET OXT  O N N 238 
MET H    H N N 239 
MET H2   H N N 240 
MET HA   H N N 241 
MET HB2  H N N 242 
MET HB3  H N N 243 
MET HG2  H N N 244 
MET HG3  H N N 245 
MET HE1  H N N 246 
MET HE2  H N N 247 
MET HE3  H N N 248 
MET HXT  H N N 249 
PHE N    N N N 250 
PHE CA   C N S 251 
PHE C    C N N 252 
PHE O    O N N 253 
PHE CB   C N N 254 
PHE CG   C Y N 255 
PHE CD1  C Y N 256 
PHE CD2  C Y N 257 
PHE CE1  C Y N 258 
PHE CE2  C Y N 259 
PHE CZ   C Y N 260 
PHE OXT  O N N 261 
PHE H    H N N 262 
PHE H2   H N N 263 
PHE HA   H N N 264 
PHE HB2  H N N 265 
PHE HB3  H N N 266 
PHE HD1  H N N 267 
PHE HD2  H N N 268 
PHE HE1  H N N 269 
PHE HE2  H N N 270 
PHE HZ   H N N 271 
PHE HXT  H N N 272 
PRO N    N N N 273 
PRO CA   C N S 274 
PRO C    C N N 275 
PRO O    O N N 276 
PRO CB   C N N 277 
PRO CG   C N N 278 
PRO CD   C N N 279 
PRO OXT  O N N 280 
PRO H    H N N 281 
PRO HA   H N N 282 
PRO HB2  H N N 283 
PRO HB3  H N N 284 
PRO HG2  H N N 285 
PRO HG3  H N N 286 
PRO HD2  H N N 287 
PRO HD3  H N N 288 
PRO HXT  H N N 289 
SER N    N N N 290 
SER CA   C N S 291 
SER C    C N N 292 
SER O    O N N 293 
SER CB   C N N 294 
SER OG   O N N 295 
SER OXT  O N N 296 
SER H    H N N 297 
SER H2   H N N 298 
SER HA   H N N 299 
SER HB2  H N N 300 
SER HB3  H N N 301 
SER HG   H N N 302 
SER HXT  H N N 303 
THR N    N N N 304 
THR CA   C N S 305 
THR C    C N N 306 
THR O    O N N 307 
THR CB   C N R 308 
THR OG1  O N N 309 
THR CG2  C N N 310 
THR OXT  O N N 311 
THR H    H N N 312 
THR H2   H N N 313 
THR HA   H N N 314 
THR HB   H N N 315 
THR HG1  H N N 316 
THR HG21 H N N 317 
THR HG22 H N N 318 
THR HG23 H N N 319 
THR HXT  H N N 320 
TRP N    N N N 321 
TRP CA   C N S 322 
TRP C    C N N 323 
TRP O    O N N 324 
TRP CB   C N N 325 
TRP CG   C Y N 326 
TRP CD1  C Y N 327 
TRP CD2  C Y N 328 
TRP NE1  N Y N 329 
TRP CE2  C Y N 330 
TRP CE3  C Y N 331 
TRP CZ2  C Y N 332 
TRP CZ3  C Y N 333 
TRP CH2  C Y N 334 
TRP OXT  O N N 335 
TRP H    H N N 336 
TRP H2   H N N 337 
TRP HA   H N N 338 
TRP HB2  H N N 339 
TRP HB3  H N N 340 
TRP HD1  H N N 341 
TRP HE1  H N N 342 
TRP HE3  H N N 343 
TRP HZ2  H N N 344 
TRP HZ3  H N N 345 
TRP HH2  H N N 346 
TRP HXT  H N N 347 
TYR N    N N N 348 
TYR CA   C N S 349 
TYR C    C N N 350 
TYR O    O N N 351 
TYR CB   C N N 352 
TYR CG   C Y N 353 
TYR CD1  C Y N 354 
TYR CD2  C Y N 355 
TYR CE1  C Y N 356 
TYR CE2  C Y N 357 
TYR CZ   C Y N 358 
TYR OH   O N N 359 
TYR OXT  O N N 360 
TYR H    H N N 361 
TYR H2   H N N 362 
TYR HA   H N N 363 
TYR HB2  H N N 364 
TYR HB3  H N N 365 
TYR HD1  H N N 366 
TYR HD2  H N N 367 
TYR HE1  H N N 368 
TYR HE2  H N N 369 
TYR HH   H N N 370 
TYR HXT  H N N 371 
VAL N    N N N 372 
VAL CA   C N S 373 
VAL C    C N N 374 
VAL O    O N N 375 
VAL CB   C N N 376 
VAL CG1  C N N 377 
VAL CG2  C N N 378 
VAL OXT  O N N 379 
VAL H    H N N 380 
VAL H2   H N N 381 
VAL HA   H N N 382 
VAL HB   H N N 383 
VAL HG11 H N N 384 
VAL HG12 H N N 385 
VAL HG13 H N N 386 
VAL HG21 H N N 387 
VAL HG22 H N N 388 
VAL HG23 H N N 389 
VAL HXT  H N N 390 
# 
loop_
_chem_comp_bond.comp_id 
_chem_comp_bond.atom_id_1 
_chem_comp_bond.atom_id_2 
_chem_comp_bond.value_order 
_chem_comp_bond.pdbx_aromatic_flag 
_chem_comp_bond.pdbx_stereo_config 
_chem_comp_bond.pdbx_ordinal 
ALA N   CA   sing N N 1   
ALA N   H    sing N N 2   
ALA N   H2   sing N N 3   
ALA CA  C    sing N N 4   
ALA CA  CB   sing N N 5   
ALA CA  HA   sing N N 6   
ALA C   O    doub N N 7   
ALA C   OXT  sing N N 8   
ALA CB  HB1  sing N N 9   
ALA CB  HB2  sing N N 10  
ALA CB  HB3  sing N N 11  
ALA OXT HXT  sing N N 12  
ARG N   CA   sing N N 13  
ARG N   H    sing N N 14  
ARG N   H2   sing N N 15  
ARG CA  C    sing N N 16  
ARG CA  CB   sing N N 17  
ARG CA  HA   sing N N 18  
ARG C   O    doub N N 19  
ARG C   OXT  sing N N 20  
ARG CB  CG   sing N N 21  
ARG CB  HB2  sing N N 22  
ARG CB  HB3  sing N N 23  
ARG CG  CD   sing N N 24  
ARG CG  HG2  sing N N 25  
ARG CG  HG3  sing N N 26  
ARG CD  NE   sing N N 27  
ARG CD  HD2  sing N N 28  
ARG CD  HD3  sing N N 29  
ARG NE  CZ   sing N N 30  
ARG NE  HE   sing N N 31  
ARG CZ  NH1  sing N N 32  
ARG CZ  NH2  doub N N 33  
ARG NH1 HH11 sing N N 34  
ARG NH1 HH12 sing N N 35  
ARG NH2 HH21 sing N N 36  
ARG NH2 HH22 sing N N 37  
ARG OXT HXT  sing N N 38  
ASN N   CA   sing N N 39  
ASN N   H    sing N N 40  
ASN N   H2   sing N N 41  
ASN CA  C    sing N N 42  
ASN CA  CB   sing N N 43  
ASN CA  HA   sing N N 44  
ASN C   O    doub N N 45  
ASN C   OXT  sing N N 46  
ASN CB  CG   sing N N 47  
ASN CB  HB2  sing N N 48  
ASN CB  HB3  sing N N 49  
ASN CG  OD1  doub N N 50  
ASN CG  ND2  sing N N 51  
ASN ND2 HD21 sing N N 52  
ASN ND2 HD22 sing N N 53  
ASN OXT HXT  sing N N 54  
ASP N   CA   sing N N 55  
ASP N   H    sing N N 56  
ASP N   H2   sing N N 57  
ASP CA  C    sing N N 58  
ASP CA  CB   sing N N 59  
ASP CA  HA   sing N N 60  
ASP C   O    doub N N 61  
ASP C   OXT  sing N N 62  
ASP CB  CG   sing N N 63  
ASP CB  HB2  sing N N 64  
ASP CB  HB3  sing N N 65  
ASP CG  OD1  doub N N 66  
ASP CG  OD2  sing N N 67  
ASP OD2 HD2  sing N N 68  
ASP OXT HXT  sing N N 69  
CYS N   CA   sing N N 70  
CYS N   H    sing N N 71  
CYS N   H2   sing N N 72  
CYS CA  C    sing N N 73  
CYS CA  CB   sing N N 74  
CYS CA  HA   sing N N 75  
CYS C   O    doub N N 76  
CYS C   OXT  sing N N 77  
CYS CB  SG   sing N N 78  
CYS CB  HB2  sing N N 79  
CYS CB  HB3  sing N N 80  
CYS SG  HG   sing N N 81  
CYS OXT HXT  sing N N 82  
GLN N   CA   sing N N 83  
GLN N   H    sing N N 84  
GLN N   H2   sing N N 85  
GLN CA  C    sing N N 86  
GLN CA  CB   sing N N 87  
GLN CA  HA   sing N N 88  
GLN C   O    doub N N 89  
GLN C   OXT  sing N N 90  
GLN CB  CG   sing N N 91  
GLN CB  HB2  sing N N 92  
GLN CB  HB3  sing N N 93  
GLN CG  CD   sing N N 94  
GLN CG  HG2  sing N N 95  
GLN CG  HG3  sing N N 96  
GLN CD  OE1  doub N N 97  
GLN CD  NE2  sing N N 98  
GLN NE2 HE21 sing N N 99  
GLN NE2 HE22 sing N N 100 
GLN OXT HXT  sing N N 101 
GLU N   CA   sing N N 102 
GLU N   H    sing N N 103 
GLU N   H2   sing N N 104 
GLU CA  C    sing N N 105 
GLU CA  CB   sing N N 106 
GLU CA  HA   sing N N 107 
GLU C   O    doub N N 108 
GLU C   OXT  sing N N 109 
GLU CB  CG   sing N N 110 
GLU CB  HB2  sing N N 111 
GLU CB  HB3  sing N N 112 
GLU CG  CD   sing N N 113 
GLU CG  HG2  sing N N 114 
GLU CG  HG3  sing N N 115 
GLU CD  OE1  doub N N 116 
GLU CD  OE2  sing N N 117 
GLU OE2 HE2  sing N N 118 
GLU OXT HXT  sing N N 119 
GLY N   CA   sing N N 120 
GLY N   H    sing N N 121 
GLY N   H2   sing N N 122 
GLY CA  C    sing N N 123 
GLY CA  HA2  sing N N 124 
GLY CA  HA3  sing N N 125 
GLY C   O    doub N N 126 
GLY C   OXT  sing N N 127 
GLY OXT HXT  sing N N 128 
HIS N   CA   sing N N 129 
HIS N   H    sing N N 130 
HIS N   H2   sing N N 131 
HIS CA  C    sing N N 132 
HIS CA  CB   sing N N 133 
HIS CA  HA   sing N N 134 
HIS C   O    doub N N 135 
HIS C   OXT  sing N N 136 
HIS CB  CG   sing N N 137 
HIS CB  HB2  sing N N 138 
HIS CB  HB3  sing N N 139 
HIS CG  ND1  sing Y N 140 
HIS CG  CD2  doub Y N 141 
HIS ND1 CE1  doub Y N 142 
HIS ND1 HD1  sing N N 143 
HIS CD2 NE2  sing Y N 144 
HIS CD2 HD2  sing N N 145 
HIS CE1 NE2  sing Y N 146 
HIS CE1 HE1  sing N N 147 
HIS NE2 HE2  sing N N 148 
HIS OXT HXT  sing N N 149 
HOH O   H1   sing N N 150 
HOH O   H2   sing N N 151 
ILE N   CA   sing N N 152 
ILE N   H    sing N N 153 
ILE N   H2   sing N N 154 
ILE CA  C    sing N N 155 
ILE CA  CB   sing N N 156 
ILE CA  HA   sing N N 157 
ILE C   O    doub N N 158 
ILE C   OXT  sing N N 159 
ILE CB  CG1  sing N N 160 
ILE CB  CG2  sing N N 161 
ILE CB  HB   sing N N 162 
ILE CG1 CD1  sing N N 163 
ILE CG1 HG12 sing N N 164 
ILE CG1 HG13 sing N N 165 
ILE CG2 HG21 sing N N 166 
ILE CG2 HG22 sing N N 167 
ILE CG2 HG23 sing N N 168 
ILE CD1 HD11 sing N N 169 
ILE CD1 HD12 sing N N 170 
ILE CD1 HD13 sing N N 171 
ILE OXT HXT  sing N N 172 
LEU N   CA   sing N N 173 
LEU N   H    sing N N 174 
LEU N   H2   sing N N 175 
LEU CA  C    sing N N 176 
LEU CA  CB   sing N N 177 
LEU CA  HA   sing N N 178 
LEU C   O    doub N N 179 
LEU C   OXT  sing N N 180 
LEU CB  CG   sing N N 181 
LEU CB  HB2  sing N N 182 
LEU CB  HB3  sing N N 183 
LEU CG  CD1  sing N N 184 
LEU CG  CD2  sing N N 185 
LEU CG  HG   sing N N 186 
LEU CD1 HD11 sing N N 187 
LEU CD1 HD12 sing N N 188 
LEU CD1 HD13 sing N N 189 
LEU CD2 HD21 sing N N 190 
LEU CD2 HD22 sing N N 191 
LEU CD2 HD23 sing N N 192 
LEU OXT HXT  sing N N 193 
LYS N   CA   sing N N 194 
LYS N   H    sing N N 195 
LYS N   H2   sing N N 196 
LYS CA  C    sing N N 197 
LYS CA  CB   sing N N 198 
LYS CA  HA   sing N N 199 
LYS C   O    doub N N 200 
LYS C   OXT  sing N N 201 
LYS CB  CG   sing N N 202 
LYS CB  HB2  sing N N 203 
LYS CB  HB3  sing N N 204 
LYS CG  CD   sing N N 205 
LYS CG  HG2  sing N N 206 
LYS CG  HG3  sing N N 207 
LYS CD  CE   sing N N 208 
LYS CD  HD2  sing N N 209 
LYS CD  HD3  sing N N 210 
LYS CE  NZ   sing N N 211 
LYS CE  HE2  sing N N 212 
LYS CE  HE3  sing N N 213 
LYS NZ  HZ1  sing N N 214 
LYS NZ  HZ2  sing N N 215 
LYS NZ  HZ3  sing N N 216 
LYS OXT HXT  sing N N 217 
MET N   CA   sing N N 218 
MET N   H    sing N N 219 
MET N   H2   sing N N 220 
MET CA  C    sing N N 221 
MET CA  CB   sing N N 222 
MET CA  HA   sing N N 223 
MET C   O    doub N N 224 
MET C   OXT  sing N N 225 
MET CB  CG   sing N N 226 
MET CB  HB2  sing N N 227 
MET CB  HB3  sing N N 228 
MET CG  SD   sing N N 229 
MET CG  HG2  sing N N 230 
MET CG  HG3  sing N N 231 
MET SD  CE   sing N N 232 
MET CE  HE1  sing N N 233 
MET CE  HE2  sing N N 234 
MET CE  HE3  sing N N 235 
MET OXT HXT  sing N N 236 
PHE N   CA   sing N N 237 
PHE N   H    sing N N 238 
PHE N   H2   sing N N 239 
PHE CA  C    sing N N 240 
PHE CA  CB   sing N N 241 
PHE CA  HA   sing N N 242 
PHE C   O    doub N N 243 
PHE C   OXT  sing N N 244 
PHE CB  CG   sing N N 245 
PHE CB  HB2  sing N N 246 
PHE CB  HB3  sing N N 247 
PHE CG  CD1  doub Y N 248 
PHE CG  CD2  sing Y N 249 
PHE CD1 CE1  sing Y N 250 
PHE CD1 HD1  sing N N 251 
PHE CD2 CE2  doub Y N 252 
PHE CD2 HD2  sing N N 253 
PHE CE1 CZ   doub Y N 254 
PHE CE1 HE1  sing N N 255 
PHE CE2 CZ   sing Y N 256 
PHE CE2 HE2  sing N N 257 
PHE CZ  HZ   sing N N 258 
PHE OXT HXT  sing N N 259 
PRO N   CA   sing N N 260 
PRO N   CD   sing N N 261 
PRO N   H    sing N N 262 
PRO CA  C    sing N N 263 
PRO CA  CB   sing N N 264 
PRO CA  HA   sing N N 265 
PRO C   O    doub N N 266 
PRO C   OXT  sing N N 267 
PRO CB  CG   sing N N 268 
PRO CB  HB2  sing N N 269 
PRO CB  HB3  sing N N 270 
PRO CG  CD   sing N N 271 
PRO CG  HG2  sing N N 272 
PRO CG  HG3  sing N N 273 
PRO CD  HD2  sing N N 274 
PRO CD  HD3  sing N N 275 
PRO OXT HXT  sing N N 276 
SER N   CA   sing N N 277 
SER N   H    sing N N 278 
SER N   H2   sing N N 279 
SER CA  C    sing N N 280 
SER CA  CB   sing N N 281 
SER CA  HA   sing N N 282 
SER C   O    doub N N 283 
SER C   OXT  sing N N 284 
SER CB  OG   sing N N 285 
SER CB  HB2  sing N N 286 
SER CB  HB3  sing N N 287 
SER OG  HG   sing N N 288 
SER OXT HXT  sing N N 289 
THR N   CA   sing N N 290 
THR N   H    sing N N 291 
THR N   H2   sing N N 292 
THR CA  C    sing N N 293 
THR CA  CB   sing N N 294 
THR CA  HA   sing N N 295 
THR C   O    doub N N 296 
THR C   OXT  sing N N 297 
THR CB  OG1  sing N N 298 
THR CB  CG2  sing N N 299 
THR CB  HB   sing N N 300 
THR OG1 HG1  sing N N 301 
THR CG2 HG21 sing N N 302 
THR CG2 HG22 sing N N 303 
THR CG2 HG23 sing N N 304 
THR OXT HXT  sing N N 305 
TRP N   CA   sing N N 306 
TRP N   H    sing N N 307 
TRP N   H2   sing N N 308 
TRP CA  C    sing N N 309 
TRP CA  CB   sing N N 310 
TRP CA  HA   sing N N 311 
TRP C   O    doub N N 312 
TRP C   OXT  sing N N 313 
TRP CB  CG   sing N N 314 
TRP CB  HB2  sing N N 315 
TRP CB  HB3  sing N N 316 
TRP CG  CD1  doub Y N 317 
TRP CG  CD2  sing Y N 318 
TRP CD1 NE1  sing Y N 319 
TRP CD1 HD1  sing N N 320 
TRP CD2 CE2  doub Y N 321 
TRP CD2 CE3  sing Y N 322 
TRP NE1 CE2  sing Y N 323 
TRP NE1 HE1  sing N N 324 
TRP CE2 CZ2  sing Y N 325 
TRP CE3 CZ3  doub Y N 326 
TRP CE3 HE3  sing N N 327 
TRP CZ2 CH2  doub Y N 328 
TRP CZ2 HZ2  sing N N 329 
TRP CZ3 CH2  sing Y N 330 
TRP CZ3 HZ3  sing N N 331 
TRP CH2 HH2  sing N N 332 
TRP OXT HXT  sing N N 333 
TYR N   CA   sing N N 334 
TYR N   H    sing N N 335 
TYR N   H2   sing N N 336 
TYR CA  C    sing N N 337 
TYR CA  CB   sing N N 338 
TYR CA  HA   sing N N 339 
TYR C   O    doub N N 340 
TYR C   OXT  sing N N 341 
TYR CB  CG   sing N N 342 
TYR CB  HB2  sing N N 343 
TYR CB  HB3  sing N N 344 
TYR CG  CD1  doub Y N 345 
TYR CG  CD2  sing Y N 346 
TYR CD1 CE1  sing Y N 347 
TYR CD1 HD1  sing N N 348 
TYR CD2 CE2  doub Y N 349 
TYR CD2 HD2  sing N N 350 
TYR CE1 CZ   doub Y N 351 
TYR CE1 HE1  sing N N 352 
TYR CE2 CZ   sing Y N 353 
TYR CE2 HE2  sing N N 354 
TYR CZ  OH   sing N N 355 
TYR OH  HH   sing N N 356 
TYR OXT HXT  sing N N 357 
VAL N   CA   sing N N 358 
VAL N   H    sing N N 359 
VAL N   H2   sing N N 360 
VAL CA  C    sing N N 361 
VAL CA  CB   sing N N 362 
VAL CA  HA   sing N N 363 
VAL C   O    doub N N 364 
VAL C   OXT  sing N N 365 
VAL CB  CG1  sing N N 366 
VAL CB  CG2  sing N N 367 
VAL CB  HB   sing N N 368 
VAL CG1 HG11 sing N N 369 
VAL CG1 HG12 sing N N 370 
VAL CG1 HG13 sing N N 371 
VAL CG2 HG21 sing N N 372 
VAL CG2 HG22 sing N N 373 
VAL CG2 HG23 sing N N 374 
VAL OXT HXT  sing N N 375 
# 
_atom_sites.entry_id                    1V05 
_atom_sites.fract_transf_matrix[1][1]   -0.00870840 
_atom_sites.fract_transf_matrix[1][2]   -0.00919241 
_atom_sites.fract_transf_matrix[1][3]   0.02039508 
_atom_sites.fract_transf_matrix[2][1]   -0.02189232 
_atom_sites.fract_transf_matrix[2][2]   -0.00984605 
_atom_sites.fract_transf_matrix[2][3]   0.00034322 
_atom_sites.fract_transf_matrix[3][1]   0.00337093 
_atom_sites.fract_transf_matrix[3][2]   -0.00756379 
_atom_sites.fract_transf_matrix[3][3]   -0.00196979 
_atom_sites.fract_transf_vector[1]      1.064857 
_atom_sites.fract_transf_vector[2]      0.697596 
_atom_sites.fract_transf_vector[3]      0.069182 
# 
loop_
_atom_type.symbol 
C 
N 
O 
S 
# 
loop_
_atom_site.group_PDB 
_atom_site.id 
_atom_site.type_symbol 
_atom_site.label_atom_id 
_atom_site.label_alt_id 
_atom_site.label_comp_id 
_atom_site.label_asym_id 
_atom_site.label_entity_id 
_atom_site.label_seq_id 
_atom_site.pdbx_PDB_ins_code 
_atom_site.Cartn_x 
_atom_site.Cartn_y 
_atom_site.Cartn_z 
_atom_site.occupancy 
_atom_site.B_iso_or_equiv 
_atom_site.pdbx_formal_charge 
_atom_site.auth_seq_id 
_atom_site.auth_comp_id 
_atom_site.auth_asym_id 
_atom_site.auth_atom_id 
_atom_site.pdbx_PDB_model_num 
ATOM   1   N N   . ALA A 1 1  ? -3.603  17.041  14.003  1.00 17.57 ? -3   ALA A N   1 
ATOM   2   C CA  . ALA A 1 1  ? -3.835  16.468  15.350  1.00 17.39 ? -3   ALA A CA  1 
ATOM   3   C C   . ALA A 1 1  ? -2.591  15.733  15.852  1.00 17.39 ? -3   ALA A C   1 
ATOM   4   O O   . ALA A 1 1  ? -1.917  15.068  15.078  1.00 17.64 ? -3   ALA A O   1 
ATOM   5   C CB  . ALA A 1 1  ? -5.025  15.516  15.312  1.00 17.65 ? -3   ALA A CB  1 
ATOM   6   N N   . MET A 1 2  ? -2.304  15.862  17.150  1.00 16.63 ? -2   MET A N   1 
ATOM   7   C CA  . MET A 1 2  ? -1.134  15.242  17.791  1.00 17.98 ? -2   MET A CA  1 
ATOM   8   C C   . MET A 1 2  ? -0.969  13.737  17.562  1.00 18.86 ? -2   MET A C   1 
ATOM   9   O O   . MET A 1 2  ? 0.105   13.250  17.202  1.00 20.43 ? -2   MET A O   1 
ATOM   10  C CB  . MET A 1 2  ? -1.167  15.491  19.310  1.00 19.72 ? -2   MET A CB  1 
ATOM   11  C CG  . MET A 1 2  ? -1.044  16.948  19.749  1.00 24.34 ? -2   MET A CG  1 
ATOM   12  S SD  . MET A 1 2  ? 0.624   17.431  20.211  1.00 27.12 ? -2   MET A SD  1 
ATOM   13  C CE  . MET A 1 2  ? 1.248   16.718  19.305  1.00 5.95  ? -2   MET A CE  1 
ATOM   14  N N   . GLY A 1 3  ? -2.024  12.989  17.784  1.00 18.24 ? -1   GLY A N   1 
ATOM   15  C CA  . GLY A 1 3  ? -1.917  11.546  17.705  1.00 15.24 ? -1   GLY A CA  1 
ATOM   16  C C   . GLY A 1 3  ? -2.150  11.023  16.305  1.00 15.43 ? -1   GLY A C   1 
ATOM   17  O O   . GLY A 1 3  ? -1.740  11.627  15.322  1.00 16.18 ? -1   GLY A O   1 
ATOM   18  N N   . SER A 1 4  ? -2.785  9.828   16.305  1.00 14.88 ? 2633 SER A N   1 
ATOM   19  C CA  . SER A 1 4  ? -3.072  9.304   14.967  1.00 17.30 ? 2633 SER A CA  1 
ATOM   20  C C   . SER A 1 4  ? -4.253  8.358   15.030  1.00 17.20 ? 2633 SER A C   1 
ATOM   21  O O   . SER A 1 4  ? -4.633  7.853   16.096  1.00 17.67 ? 2633 SER A O   1 
ATOM   22  C CB  . SER A 1 4  ? -1.848  8.613   14.335  1.00 19.88 ? 2633 SER A CB  1 
ATOM   23  O OG  . SER A 1 4  ? -1.217  7.716   15.221  1.00 20.32 ? 2633 SER A OG  1 
ATOM   24  N N   . ASP A 1 5  ? -4.824  8.098   13.865  1.00 16.51 ? 2634 ASP A N   1 
ATOM   25  C CA  . ASP A 1 5  ? -6.032  7.302   13.788  1.00 15.78 ? 2634 ASP A CA  1 
ATOM   26  C C   . ASP A 1 5  ? -6.072  6.597   12.444  1.00 14.38 ? 2634 ASP A C   1 
ATOM   27  O O   . ASP A 1 5  ? -6.513  7.153   11.440  1.00 14.14 ? 2634 ASP A O   1 
ATOM   28  C CB  . ASP A 1 5  ? -7.264  8.179   13.989  1.00 15.78 ? 2634 ASP A CB  1 
ATOM   29  C CG  . ASP A 1 5  ? -8.562  7.394   13.948  1.00 17.38 ? 2634 ASP A CG  1 
ATOM   30  O OD1 . ASP A 1 5  ? -8.544  6.150   13.771  1.00 16.67 ? 2634 ASP A OD1 1 
ATOM   31  O OD2 . ASP A 1 5  ? -9.659  7.945   14.095  1.00 18.12 ? 2634 ASP A OD2 1 
ATOM   32  N N   . ALA A 1 6  ? -5.590  5.366   12.450  1.00 14.16 ? 2635 ALA A N   1 
ATOM   33  C CA  . ALA A 1 6  ? -5.482  4.588   11.220  1.00 13.39 ? 2635 ALA A CA  1 
ATOM   34  C C   . ALA A 1 6  ? -6.826  4.397   10.533  1.00 13.69 ? 2635 ALA A C   1 
ATOM   35  O O   . ALA A 1 6  ? -6.870  4.216   9.315   1.00 12.62 ? 2635 ALA A O   1 
ATOM   36  C CB  . ALA A 1 6  ? -4.864  3.236   11.516  1.00 14.20 ? 2635 ALA A CB  1 
ATOM   37  N N   . SER A 1 7  ? -7.914  4.402   11.289  1.00 14.36 ? 2636 SER A N   1 
ATOM   38  C CA  . SER A 1 7  ? -9.242  4.161   10.730  1.00 13.89 ? 2636 SER A CA  1 
ATOM   39  C C   . SER A 1 7  ? -9.697  5.254   9.777   1.00 13.16 ? 2636 SER A C   1 
ATOM   40  O O   . SER A 1 7  ? -10.674 5.096   9.034   1.00 13.19 ? 2636 SER A O   1 
ATOM   41  C CB  . SER A 1 7  ? -10.258 3.979   11.864  1.00 14.88 ? 2636 SER A CB  1 
ATOM   42  O OG  . SER A 1 7  ? -10.694 5.218   12.395  1.00 16.82 ? 2636 SER A OG  1 
ATOM   43  N N   . LYS A 1 8  ? -8.969  6.362   9.761   1.00 12.47 ? 2637 LYS A N   1 
ATOM   44  C CA  . LYS A 1 8  ? -9.313  7.468   8.888   1.00 12.46 ? 2637 LYS A CA  1 
ATOM   45  C C   . LYS A 1 8  ? -8.520  7.477   7.601   1.00 11.85 ? 2637 LYS A C   1 
ATOM   46  O O   . LYS A 1 8  ? -8.747  8.331   6.745   1.00 13.87 ? 2637 LYS A O   1 
ATOM   47  C CB  . LYS A 1 8  ? -9.129  8.807   9.598   1.00 12.45 ? 2637 LYS A CB  1 
ATOM   48  C CG  . LYS A 1 8  ? -9.913  8.919   10.883  1.00 15.44 ? 2637 LYS A CG  1 
ATOM   49  C CD  . LYS A 1 8  ? -11.403 8.988   10.597  1.00 17.36 ? 2637 LYS A CD  1 
ATOM   50  C CE  . LYS A 1 8  ? -12.187 9.034   11.915  1.00 17.78 ? 2637 LYS A CE  1 
ATOM   51  N NZ  . LYS A 1 8  ? -12.060 7.765   12.691  1.00 21.83 ? 2637 LYS A NZ  1 
ATOM   52  N N   . VAL A 1 9  ? -7.628  6.513   7.447   1.00 11.78 ? 2638 VAL A N   1 
ATOM   53  C CA  . VAL A 1 9  ? -6.856  6.415   6.212   1.00 11.43 ? 2638 VAL A CA  1 
ATOM   54  C C   . VAL A 1 9  ? -7.735  5.836   5.115   1.00 11.89 ? 2638 VAL A C   1 
ATOM   55  O O   . VAL A 1 9  ? -8.487  4.905   5.340   1.00 11.69 ? 2638 VAL A O   1 
ATOM   56  C CB  . VAL A 1 9  ? -5.634  5.539   6.396   1.00 11.52 ? 2638 VAL A CB  1 
ATOM   57  C CG1 . VAL A 1 9  ? -4.905  5.381   5.082   1.00 10.19 ? 2638 VAL A CG1 1 
ATOM   58  C CG2 . VAL A 1 9  ? -4.686  6.137   7.405   1.00 11.93 ? 2638 VAL A CG2 1 
ATOM   59  N N   . VAL A 1 10 ? -7.688  6.450   3.946   1.00 10.09 ? 2639 VAL A N   1 
ATOM   60  C CA  . VAL A 1 10 ? -8.448  6.021   2.787   1.00 11.72 ? 2639 VAL A CA  1 
ATOM   61  C C   . VAL A 1 10 ? -7.487  5.515   1.723   1.00 10.91 ? 2639 VAL A C   1 
ATOM   62  O O   . VAL A 1 10 ? -6.591  6.237   1.320   1.00 10.56 ? 2639 VAL A O   1 
ATOM   63  C CB  . VAL A 1 10 ? -9.300  7.196   2.239   1.00 12.72 ? 2639 VAL A CB  1 
ATOM   64  C CG1 . VAL A 1 10 ? -10.091 6.772   1.022   1.00 13.05 ? 2639 VAL A CG1 1 
ATOM   65  C CG2 . VAL A 1 10 ? -10.237 7.746   3.360   1.00 13.78 ? 2639 VAL A CG2 1 
ATOM   66  N N   . THR A 1 11 ? -7.677  4.290   1.254   1.00 9.59  ? 2640 THR A N   1 
ATOM   67  C CA  . THR A 1 11 ? -6.743  3.687   0.303   1.00 9.39  ? 2640 THR A CA  1 
ATOM   68  C C   . THR A 1 11 ? -7.550  3.272   -0.920  1.00 10.49 ? 2640 THR A C   1 
ATOM   69  O O   . THR A 1 11 ? -8.599  2.639   -0.759  1.00 12.52 ? 2640 THR A O   1 
ATOM   70  C CB  . THR A 1 11 ? -6.059  2.479   0.983   1.00 10.15 ? 2640 THR A CB  1 
ATOM   71  O OG1 . THR A 1 11 ? -5.469  2.910   2.230   1.00 12.08 ? 2640 THR A OG1 1 
ATOM   72  C CG2 . THR A 1 11 ? -4.906  1.938   0.210   1.00 12.45 ? 2640 THR A CG2 1 
ATOM   73  N N   . ARG A 1 12 ? -7.086  3.610   -2.120  1.00 8.22  ? 2641 ARG A N   1 
ATOM   74  C CA  . ARG A 1 12 ? -7.820  3.276   -3.343  1.00 8.46  ? 2641 ARG A CA  1 
ATOM   75  C C   . ARG A 1 12 ? -6.856  3.183   -4.514  1.00 8.65  ? 2641 ARG A C   1 
ATOM   76  O O   . ARG A 1 12 ? -5.934  3.973   -4.640  1.00 9.48  ? 2641 ARG A O   1 
ATOM   77  C CB  . ARG A 1 12 ? -8.850  4.361   -3.606  1.00 9.66  ? 2641 ARG A CB  1 
ATOM   78  C CG  . ARG A 1 12 ? -9.902  4.018   -4.679  1.00 10.64 ? 2641 ARG A CG  1 
ATOM   79  C CD  . ARG A 1 12 ? -10.953 5.101   -4.795  1.00 12.33 ? 2641 ARG A CD  1 
ATOM   80  N NE  . ARG A 1 12 ? -10.330 6.305   -5.327  1.00 12.65 ? 2641 ARG A NE  1 
ATOM   81  C CZ  . ARG A 1 12 ? -10.846 7.521   -5.330  1.00 14.48 ? 2641 ARG A CZ  1 
ATOM   82  N NH1 . ARG A 1 12 ? -12.059 7.753   -4.846  1.00 18.42 ? 2641 ARG A NH1 1 
ATOM   83  N NH2 . ARG A 1 12 ? -10.143 8.516   -5.857  1.00 16.00 ? 2641 ARG A NH2 1 
ATOM   84  N N   . GLY A 1 13 ? -7.086  2.218   -5.392  1.00 8.47  ? 2642 GLY A N   1 
ATOM   85  C CA  . GLY A 1 13 ? -6.421  2.144   -6.677  1.00 7.74  ? 2642 GLY A CA  1 
ATOM   86  C C   . GLY A 1 13 ? -6.302  0.717   -7.182  1.00 8.69  ? 2642 GLY A C   1 
ATOM   87  O O   . GLY A 1 13 ? -6.499  -0.228  -6.436  1.00 8.72  ? 2642 GLY A O   1 
ATOM   88  N N   . PRO A 1 14 ? -5.963  0.553   -8.441  1.00 8.22  ? 2643 PRO A N   1 
ATOM   89  C CA  . PRO A 1 14 ? -5.956  -0.784  -9.029  1.00 8.81  ? 2643 PRO A CA  1 
ATOM   90  C C   . PRO A 1 14 ? -4.978  -1.767  -8.378  1.00 7.74  ? 2643 PRO A C   1 
ATOM   91  O O   . PRO A 1 14 ? -5.258  -2.968  -8.298  1.00 8.30  ? 2643 PRO A O   1 
ATOM   92  C CB  . PRO A 1 14 ? -5.593  -0.526  -10.491 1.00 8.77  ? 2643 PRO A CB  1 
ATOM   93  C CG  . PRO A 1 14 ? -5.825  0.857   -10.721 1.00 12.56 ? 2643 PRO A CG  1 
ATOM   94  C CD  . PRO A 1 14 ? -5.608  1.583   -9.422  1.00 8.53  ? 2643 PRO A CD  1 
ATOM   95  N N   . GLY A 1 15 ? -3.855  -1.237  -7.919  1.00 7.93  ? 2644 GLY A N   1 
ATOM   96  C CA  . GLY A 1 15 ? -2.813  -2.030  -7.289  1.00 7.60  ? 2644 GLY A CA  1 
ATOM   97  C C   . GLY A 1 15 ? -3.203  -2.646  -5.960  1.00 8.73  ? 2644 GLY A C   1 
ATOM   98  O O   . GLY A 1 15 ? -2.445  -3.445  -5.425  1.00 8.95  ? 2644 GLY A O   1 
ATOM   99  N N   . LEU A 1 16 ? -4.353  -2.276  -5.415  1.00 7.90  ? 2645 LEU A N   1 
ATOM   100 C CA  . LEU A 1 16 ? -4.883  -2.930  -4.234  1.00 8.40  ? 2645 LEU A CA  1 
ATOM   101 C C   . LEU A 1 16 ? -5.417  -4.322  -4.530  1.00 9.44  ? 2645 LEU A C   1 
ATOM   102 O O   . LEU A 1 16 ? -5.611  -5.085  -3.594  1.00 10.49 ? 2645 LEU A O   1 
ATOM   103 C CB  . LEU A 1 16 ? -5.987  -2.097  -3.625  1.00 9.12  ? 2645 LEU A CB  1 
ATOM   104 C CG  . LEU A 1 16 ? -5.563  -0.729  -3.107  1.00 8.49  ? 2645 LEU A CG  1 
ATOM   105 C CD1 . LEU A 1 16 ? -6.748  -0.025  -2.488  1.00 10.37 ? 2645 LEU A CD1 1 
ATOM   106 C CD2 . LEU A 1 16 ? -4.395  -0.850  -2.115  1.00 9.31  ? 2645 LEU A CD2 1 
ATOM   107 N N   . SER A 1 17 ? -5.698  -4.661  -5.782  1.00 9.08  ? 2646 SER A N   1 
ATOM   108 C CA  . SER A 1 17 ? -6.324  -5.944  -6.094  1.00 9.38  ? 2646 SER A CA  1 
ATOM   109 C C   . SER A 1 17 ? -5.643  -6.721  -7.202  1.00 8.51  ? 2646 SER A C   1 
ATOM   110 O O   . SER A 1 17 ? -5.795  -7.929  -7.293  1.00 10.15 ? 2646 SER A O   1 
ATOM   111 C CB  . SER A 1 17 ? -7.795  -5.717  -6.430  1.00 10.91 ? 2646 SER A CB  1 
ATOM   112 O OG  . SER A 1 17 ? -7.910  -4.915  -7.576  1.00 12.84 ? 2646 SER A OG  1 
ATOM   113 N N   . GLN A 1 18 ? -4.858  -6.061  -8.037  1.00 9.61  ? 2647 GLN A N   1 
ATOM   114 C CA  . GLN A 1 18 ? -4.186  -6.723  -9.134  1.00 9.95  ? 2647 GLN A CA  1 
ATOM   115 C C   . GLN A 1 18 ? -2.863  -6.045  -9.447  1.00 10.21 ? 2647 GLN A C   1 
ATOM   116 O O   . GLN A 1 18 ? -2.731  -4.814  -9.363  1.00 10.57 ? 2647 GLN A O   1 
ATOM   117 C CB  . GLN A 1 18 ? -5.091  -6.670  -10.360 1.00 14.03 ? 2647 GLN A CB  1 
ATOM   118 C CG  . GLN A 1 18 ? -4.717  -7.556  -11.481 1.00 20.58 ? 2647 GLN A CG  1 
ATOM   119 C CD  . GLN A 1 18 ? -5.897  -7.756  -12.419 1.00 25.55 ? 2647 GLN A CD  1 
ATOM   120 O OE1 . GLN A 1 18 ? -6.388  -8.867  -12.575 1.00 30.83 ? 2647 GLN A OE1 1 
ATOM   121 N NE2 . GLN A 1 18 ? -6.372  -6.670  -13.006 1.00 28.70 ? 2647 GLN A NE2 1 
ATOM   122 N N   . ALA A 1 19 ? -1.883  -6.846  -9.793  1.00 9.77  ? 2648 ALA A N   1 
ATOM   123 C CA  . ALA A 1 19 ? -0.612  -6.316  -10.236 1.00 8.62  ? 2648 ALA A CA  1 
ATOM   124 C C   . ALA A 1 19 ? -0.083  -7.171  -11.374 1.00 9.67  ? 2648 ALA A C   1 
ATOM   125 O O   . ALA A 1 19 ? -0.387  -8.374  -11.463 1.00 12.15 ? 2648 ALA A O   1 
ATOM   126 C CB  . ALA A 1 19 ? 0.379   -6.243  -9.082  1.00 9.84  ? 2648 ALA A CB  1 
ATOM   127 N N   . PHE A 1 20 ? 0.675   -6.551  -12.265 1.00 9.06  ? 2649 PHE A N   1 
ATOM   128 C CA  . PHE A 1 20 ? 1.201   -7.228  -13.431 1.00 10.02 ? 2649 PHE A CA  1 
ATOM   129 C C   . PHE A 1 20 ? 2.708   -7.230  -13.442 1.00 9.87  ? 2649 PHE A C   1 
ATOM   130 O O   . PHE A 1 20 ? 3.335   -6.202  -13.176 1.00 10.00 ? 2649 PHE A O   1 
ATOM   131 C CB  . PHE A 1 20 ? 0.700   -6.549  -14.696 1.00 10.86 ? 2649 PHE A CB  1 
ATOM   132 C CG  . PHE A 1 20 ? -0.777  -6.592  -14.841 1.00 12.75 ? 2649 PHE A CG  1 
ATOM   133 C CD1 . PHE A 1 20 ? -1.585  -5.667  -14.202 1.00 13.81 ? 2649 PHE A CD1 1 
ATOM   134 C CD2 . PHE A 1 20 ? -1.363  -7.569  -15.612 1.00 16.23 ? 2649 PHE A CD2 1 
ATOM   135 C CE1 . PHE A 1 20 ? -2.957  -5.710  -14.326 1.00 17.37 ? 2649 PHE A CE1 1 
ATOM   136 C CE2 . PHE A 1 20 ? -2.749  -7.623  -15.750 1.00 18.73 ? 2649 PHE A CE2 1 
ATOM   137 C CZ  . PHE A 1 20 ? -3.545  -6.702  -15.107 1.00 19.95 ? 2649 PHE A CZ  1 
ATOM   138 N N   . VAL A 1 21 ? 3.275   -8.379  -13.779 1.00 10.49 ? 2650 VAL A N   1 
ATOM   139 C CA  . VAL A 1 21 ? 4.698   -8.469  -14.046 1.00 9.94  ? 2650 VAL A CA  1 
ATOM   140 C C   . VAL A 1 21 ? 5.016   -7.508  -15.194 1.00 12.58 ? 2650 VAL A C   1 
ATOM   141 O O   . VAL A 1 21 ? 4.277   -7.444  -16.166 1.00 14.16 ? 2650 VAL A O   1 
ATOM   142 C CB  . VAL A 1 21 ? 5.083   -9.916  -14.404 1.00 10.23 ? 2650 VAL A CB  1 
ATOM   143 C CG1 . VAL A 1 21 ? 6.538   -10.006 -14.748 1.00 12.95 ? 2650 VAL A CG1 1 
ATOM   144 C CG2 . VAL A 1 21 ? 4.768   -10.851 -13.250 1.00 12.63 ? 2650 VAL A CG2 1 
ATOM   145 N N   . GLY A 1 22 ? 6.064   -6.696  -15.034 1.00 13.42 ? 2651 GLY A N   1 
ATOM   146 C CA  . GLY A 1 22 ? 6.504   -5.784  -16.083 1.00 15.46 ? 2651 GLY A CA  1 
ATOM   147 C C   . GLY A 1 22 ? 5.850   -4.411  -16.085 1.00 16.18 ? 2651 GLY A C   1 
ATOM   148 O O   . GLY A 1 22 ? 6.131   -3.573  -16.945 1.00 19.37 ? 2651 GLY A O   1 
ATOM   149 N N   . GLN A 1 23 ? 4.937   -4.171  -15.161 1.00 13.91 ? 2652 GLN A N   1 
ATOM   150 C CA  . GLN A 1 23 ? 4.239   -2.898  -15.103 1.00 13.78 ? 2652 GLN A CA  1 
ATOM   151 C C   . GLN A 1 23 ? 4.409   -2.267  -13.738 1.00 11.96 ? 2652 GLN A C   1 
ATOM   152 O O   . GLN A 1 23 ? 4.692   -2.938  -12.731 1.00 11.48 ? 2652 GLN A O   1 
ATOM   153 C CB  . GLN A 1 23 ? 2.724   -3.069  -15.333 1.00 14.40 ? 2652 GLN A CB  1 
ATOM   154 C CG  . GLN A 1 23 ? 2.296   -3.561  -16.710 1.00 17.10 ? 2652 GLN A CG  1 
ATOM   155 C CD  . GLN A 1 23 ? 0.788   -3.713  -16.844 1.00 19.55 ? 2652 GLN A CD  1 
ATOM   156 O OE1 . GLN A 1 23 ? 0.016   -2.977  -16.226 1.00 20.39 ? 2652 GLN A OE1 1 
ATOM   157 N NE2 . GLN A 1 23 ? 0.366   -4.670  -17.658 1.00 23.68 ? 2652 GLN A NE2 1 
ATOM   158 N N   . LYS A 1 24 ? 4.168   -0.979  -13.699 1.00 10.39 ? 2653 LYS A N   1 
ATOM   159 C CA  . LYS A 1 24 ? 4.004   -0.275  -12.451 1.00 10.87 ? 2653 LYS A CA  1 
ATOM   160 C C   . LYS A 1 24 ? 2.590   -0.487  -11.947 1.00 11.01 ? 2653 LYS A C   1 
ATOM   161 O O   . LYS A 1 24 ? 1.623   -0.286  -12.679 1.00 11.84 ? 2653 LYS A O   1 
ATOM   162 C CB  . LYS A 1 24 ? 4.222   1.213   -12.666 1.00 12.05 ? 2653 LYS A CB  1 
ATOM   163 C CG  . LYS A 1 24 ? 5.670   1.560   -12.878 1.00 14.51 ? 2653 LYS A CG  1 
ATOM   164 C CD  . LYS A 1 24 ? 5.834   3.038   -13.124 1.00 16.50 ? 2653 LYS A CD  1 
ATOM   165 C CE  . LYS A 1 24 ? 7.318   3.379   -13.221 1.00 21.26 ? 2653 LYS A CE  1 
ATOM   166 N NZ  . LYS A 1 24 ? 7.505   4.711   -13.797 1.00 24.20 ? 2653 LYS A NZ  1 
ATOM   167 N N   . ASN A 1 25 ? 2.464   -0.833  -10.677 1.00 9.06  ? 2654 ASN A N   1 
ATOM   168 C CA  . ASN A 1 25 ? 1.177   -1.083  -10.049 1.00 7.91  ? 2654 ASN A CA  1 
ATOM   169 C C   . ASN A 1 25 ? 1.031   -0.094  -8.917  1.00 8.60  ? 2654 ASN A C   1 
ATOM   170 O O   . ASN A 1 25 ? 1.933   0.026   -8.115  1.00 9.64  ? 2654 ASN A O   1 
ATOM   171 C CB  . ASN A 1 25 ? 1.174   -2.514  -9.551  1.00 7.95  ? 2654 ASN A CB  1 
ATOM   172 C CG  . ASN A 1 25 ? 1.550   -3.480  -10.636 1.00 9.01  ? 2654 ASN A CG  1 
ATOM   173 O OD1 . ASN A 1 25 ? 0.727   -3.759  -11.501 1.00 9.37  ? 2654 ASN A OD1 1 
ATOM   174 N ND2 . ASN A 1 25 ? 2.788   -3.957  -10.645 1.00 10.12 ? 2654 ASN A ND2 1 
ATOM   175 N N   . SER A 1 26 ? -0.106  0.570   -8.817  1.00 8.00  ? 2655 SER A N   1 
ATOM   176 C CA  . SER A 1 26 ? -0.209  1.747   -7.980  1.00 8.54  ? 2655 SER A CA  1 
ATOM   177 C C   . SER A 1 26 ? -1.517  1.884   -7.248  1.00 7.42  ? 2655 SER A C   1 
ATOM   178 O O   . SER A 1 26 ? -2.550  1.315   -7.629  1.00 8.43  ? 2655 SER A O   1 
ATOM   179 C CB  . SER A 1 26 ? 0.039   2.992   -8.814  1.00 9.36  ? 2655 SER A CB  1 
ATOM   180 O OG  . SER A 1 26 ? 1.303   2.951   -9.467  1.00 13.50 ? 2655 SER A OG  1 
ATOM   181 N N   . PHE A 1 27 ? -1.489  2.678   -6.193  1.00 7.06  ? 2656 PHE A N   1 
ATOM   182 C CA  . PHE A 1 27 ? -2.644  3.087   -5.460  1.00 8.56  ? 2656 PHE A CA  1 
ATOM   183 C C   . PHE A 1 27 ? -2.297  4.306   -4.641  1.00 8.15  ? 2656 PHE A C   1 
ATOM   184 O O   . PHE A 1 27 ? -1.109  4.660   -4.481  1.00 8.00  ? 2656 PHE A O   1 
ATOM   185 C CB  . PHE A 1 27 ? -3.164  1.945   -4.572  1.00 8.12  ? 2656 PHE A CB  1 
ATOM   186 C CG  . PHE A 1 27 ? -2.130  1.382   -3.612  1.00 9.49  ? 2656 PHE A CG  1 
ATOM   187 C CD1 . PHE A 1 27 ? -1.277  0.384   -3.995  1.00 9.51  ? 2656 PHE A CD1 1 
ATOM   188 C CD2 . PHE A 1 27 ? -2.045  1.850   -2.319  1.00 9.21  ? 2656 PHE A CD2 1 
ATOM   189 C CE1 . PHE A 1 27 ? -0.331  -0.136  -3.107  1.00 8.21  ? 2656 PHE A CE1 1 
ATOM   190 C CE2 . PHE A 1 27 ? -1.119  1.339   -1.436  1.00 9.32  ? 2656 PHE A CE2 1 
ATOM   191 C CZ  . PHE A 1 27 ? -0.258  0.353   -1.821  1.00 8.74  ? 2656 PHE A CZ  1 
ATOM   192 N N   . THR A 1 28 ? -3.323  4.972   -4.151  1.00 8.25  ? 2657 THR A N   1 
ATOM   193 C CA  . THR A 1 28 ? -3.179  6.143   -3.309  1.00 8.37  ? 2657 THR A CA  1 
ATOM   194 C C   . THR A 1 28 ? -3.544  5.822   -1.880  1.00 9.26  ? 2657 THR A C   1 
ATOM   195 O O   . THR A 1 28 ? -4.494  5.099   -1.625  1.00 9.83  ? 2657 THR A O   1 
ATOM   196 C CB  . THR A 1 28 ? -4.064  7.253   -3.856  1.00 10.63 ? 2657 THR A CB  1 
ATOM   197 O OG1 . THR A 1 28 ? -3.511  7.668   -5.106  1.00 11.29 ? 2657 THR A OG1 1 
ATOM   198 C CG2 . THR A 1 28 ? -4.082  8.487   -2.970  1.00 10.49 ? 2657 THR A CG2 1 
ATOM   199 N N   . VAL A 1 29 ? -2.737  6.305   -0.938  1.00 8.41  ? 2658 VAL A N   1 
ATOM   200 C CA  . VAL A 1 29 ? -3.030  6.178   0.480   1.00 9.46  ? 2658 VAL A CA  1 
ATOM   201 C C   . VAL A 1 29 ? -3.192  7.575   1.050   1.00 9.94  ? 2658 VAL A C   1 
ATOM   202 O O   . VAL A 1 29 ? -2.212  8.310   1.188   1.00 11.09 ? 2658 VAL A O   1 
ATOM   203 C CB  . VAL A 1 29 ? -1.930  5.425   1.247   1.00 8.71  ? 2658 VAL A CB  1 
ATOM   204 C CG1 . VAL A 1 29 ? -2.380  5.112   2.678   1.00 10.59 ? 2658 VAL A CG1 1 
ATOM   205 C CG2 . VAL A 1 29 ? -1.522  4.149   0.526   1.00 8.91  ? 2658 VAL A CG2 1 
ATOM   206 N N   . ASP A 1 30 ? -4.427  7.948   1.358   1.00 9.61  ? 2659 ASP A N   1 
ATOM   207 C CA  . ASP A 1 30 ? -4.737  9.287   1.823   1.00 10.24 ? 2659 ASP A CA  1 
ATOM   208 C C   . ASP A 1 30 ? -4.787  9.259   3.337   1.00 9.70  ? 2659 ASP A C   1 
ATOM   209 O O   . ASP A 1 30 ? -5.702  8.711   3.941   1.00 10.15 ? 2659 ASP A O   1 
ATOM   210 C CB  . ASP A 1 30 ? -6.066  9.697   1.214   1.00 11.49 ? 2659 ASP A CB  1 
ATOM   211 C CG  . ASP A 1 30 ? -6.594  10.980  1.760   1.00 12.77 ? 2659 ASP A CG  1 
ATOM   212 O OD1 . ASP A 1 30 ? -5.920  11.626  2.594   1.00 12.13 ? 2659 ASP A OD1 1 
ATOM   213 O OD2 . ASP A 1 30 ? -7.739  11.366  1.418   1.00 15.06 ? 2659 ASP A OD2 1 
ATOM   214 N N   . CYS A 1 31 ? -3.750  9.810   3.948   1.00 10.52 ? 2660 CYS A N   1 
ATOM   215 C CA  . CYS A 1 31 ? -3.620  9.855   5.385   1.00 10.58 ? 2660 CYS A CA  1 
ATOM   216 C C   . CYS A 1 31 ? -3.886  11.261  5.910   1.00 11.07 ? 2660 CYS A C   1 
ATOM   217 O O   . CYS A 1 31 ? -3.597  11.537  7.059   1.00 11.60 ? 2660 CYS A O   1 
ATOM   218 C CB  . CYS A 1 31 ? -2.228  9.398   5.829   1.00 9.52  ? 2660 CYS A CB  1 
ATOM   219 S SG  . CYS A 1 31 ? -1.767  7.781   5.238   1.00 11.54 ? 2660 CYS A SG  1 
ATOM   220 N N   . SER A 1 32 ? -4.488  12.120  5.089   1.00 11.74 ? 2661 SER A N   1 
ATOM   221 C CA  . SER A 1 32 ? -4.660  13.530  5.449   1.00 12.02 ? 2661 SER A CA  1 
ATOM   222 C C   . SER A 1 32 ? -5.518  13.748  6.683   1.00 12.70 ? 2661 SER A C   1 
ATOM   223 O O   . SER A 1 32 ? -5.371  14.768  7.365   1.00 13.18 ? 2661 SER A O   1 
ATOM   224 C CB  . SER A 1 32 ? -5.266  14.306  4.276   1.00 12.39 ? 2661 SER A CB  1 
ATOM   225 O OG  . SER A 1 32 ? -6.553  13.825  3.935   1.00 13.06 ? 2661 SER A OG  1 
ATOM   226 N N   . LYS A 1 33 ? -6.418  12.806  6.958   1.00 12.83 ? 2662 LYS A N   1 
ATOM   227 C CA  . LYS A 1 33 ? -7.339  12.914  8.101   1.00 14.98 ? 2662 LYS A CA  1 
ATOM   228 C C   . LYS A 1 33 ? -6.939  12.052  9.299   1.00 14.42 ? 2662 LYS A C   1 
ATOM   229 O O   . LYS A 1 33 ? -7.739  11.883  10.230  1.00 15.72 ? 2662 LYS A O   1 
ATOM   230 C CB  . LYS A 1 33 ? -8.742  12.472  7.688   1.00 15.64 ? 2662 LYS A CB  1 
ATOM   231 C CG  . LYS A 1 33 ? -9.319  13.129  6.460   1.00 17.37 ? 2662 LYS A CG  1 
ATOM   232 C CD  . LYS A 1 33 ? -9.077  14.622  6.450   1.00 17.82 ? 2662 LYS A CD  1 
ATOM   233 C CE  . LYS A 1 33 ? -9.792  15.327  5.315   1.00 19.34 ? 2662 LYS A CE  1 
ATOM   234 N NZ  . LYS A 1 33 ? -9.270  14.955  3.960   1.00 21.31 ? 2662 LYS A NZ  1 
ATOM   235 N N   . ALA A 1 34 ? -5.739  11.477  9.283   1.00 12.43 ? 2663 ALA A N   1 
ATOM   236 C CA  . ALA A 1 34 ? -5.374  10.440  10.230  1.00 13.18 ? 2663 ALA A CA  1 
ATOM   237 C C   . ALA A 1 34 ? -4.347  10.844  11.272  1.00 14.96 ? 2663 ALA A C   1 
ATOM   238 O O   . ALA A 1 34 ? -3.866  10.003  12.019  1.00 15.37 ? 2663 ALA A O   1 
ATOM   239 C CB  . ALA A 1 34 ? -4.841  9.240   9.437   1.00 13.31 ? 2663 ALA A CB  1 
ATOM   240 N N   . GLY A 1 35 ? -4.006  12.130  11.326  1.00 15.37 ? 2664 GLY A N   1 
ATOM   241 C CA  . GLY A 1 35 ? -3.034  12.621  12.296  1.00 16.57 ? 2664 GLY A CA  1 
ATOM   242 C C   . GLY A 1 35 ? -1.597  12.484  11.852  1.00 15.56 ? 2664 GLY A C   1 
ATOM   243 O O   . GLY A 1 35 ? -1.284  12.628  10.677  1.00 18.39 ? 2664 GLY A O   1 
ATOM   244 N N   . THR A 1 36 ? -0.699  12.189  12.776  1.00 15.93 ? 2665 THR A N   1 
ATOM   245 C CA  . THR A 1 36 ? 0.721   12.176  12.486  1.00 15.95 ? 2665 THR A CA  1 
ATOM   246 C C   . THR A 1 36 ? 1.319   10.817  12.762  1.00 16.59 ? 2665 THR A C   1 
ATOM   247 O O   . THR A 1 36 ? 1.304   10.341  13.878  1.00 16.35 ? 2665 THR A O   1 
ATOM   248 C CB  . THR A 1 36 ? 1.427   13.230  13.333  1.00 18.37 ? 2665 THR A CB  1 
ATOM   249 O OG1 . THR A 1 36 ? 0.871   14.512  13.012  1.00 23.03 ? 2665 THR A OG1 1 
ATOM   250 C CG2 . THR A 1 36 ? 2.919   13.329  12.995  1.00 21.97 ? 2665 THR A CG2 1 
ATOM   251 N N   . ASN A 1 37 ? 1.817   10.169  11.728  1.00 14.53 ? 2666 ASN A N   1 
ATOM   252 C CA  . ASN A 1 37 ? 2.474   8.899   11.878  1.00 15.64 ? 2666 ASN A CA  1 
ATOM   253 C C   . ASN A 1 37 ? 3.227   8.585   10.604  1.00 14.68 ? 2666 ASN A C   1 
ATOM   254 O O   . ASN A 1 37 ? 3.277   9.430   9.701   1.00 17.35 ? 2666 ASN A O   1 
ATOM   255 C CB  . ASN A 1 37 ? 1.455   7.797   12.206  1.00 15.38 ? 2666 ASN A CB  1 
ATOM   256 C CG  . ASN A 1 37 ? 2.006   6.773   13.175  1.00 17.46 ? 2666 ASN A CG  1 
ATOM   257 O OD1 . ASN A 1 37 ? 3.147   6.361   13.055  1.00 19.39 ? 2666 ASN A OD1 1 
ATOM   258 N ND2 . ASN A 1 37 ? 1.201   6.356   14.143  1.00 16.67 ? 2666 ASN A ND2 1 
ATOM   259 N N   . MET A 1 38 ? 3.827   7.406   10.571  1.00 15.64 ? 2667 MET A N   1 
ATOM   260 C CA  . MET A 1 38 ? 4.486   6.882   9.381   1.00 16.07 ? 2667 MET A CA  1 
ATOM   261 C C   . MET A 1 38 ? 3.506   5.965   8.667   1.00 15.42 ? 2667 MET A C   1 
ATOM   262 O O   . MET A 1 38 ? 2.808   5.162   9.288   1.00 16.35 ? 2667 MET A O   1 
ATOM   263 C CB  . MET A 1 38 ? 5.769   6.108   9.744   1.00 16.93 ? 2667 MET A CB  1 
ATOM   264 C CG  . MET A 1 38 ? 5.591   5.057   10.842  1.00 19.82 ? 2667 MET A CG  1 
ATOM   265 S SD  . MET A 1 38 ? 7.028   3.965   11.026  1.00 21.62 ? 2667 MET A SD  1 
ATOM   266 C CE  . MET A 1 38 ? 8.209   5.082   11.850  1.00 22.18 ? 2667 MET A CE  1 
ATOM   267 N N   . MET A 1 39 ? 3.461   6.093   7.352   1.00 14.00 ? 2668 MET A N   1 
ATOM   268 C CA  . MET A 1 39 ? 2.735   5.136   6.540   1.00 13.22 ? 2668 MET A CA  1 
ATOM   269 C C   . MET A 1 39 ? 3.740   4.077   6.113   1.00 14.27 ? 2668 MET A C   1 
ATOM   270 O O   . MET A 1 39 ? 4.832   4.415   5.654   1.00 16.29 ? 2668 MET A O   1 
ATOM   271 C CB  . MET A 1 39 ? 2.091   5.857   5.354   1.00 13.55 ? 2668 MET A CB  1 
ATOM   272 C CG  . MET A 1 39 ? 0.974   5.099   4.678   1.00 14.04 ? 2668 MET A CG  1 
ATOM   273 S SD  . MET A 1 39 ? 1.607   3.947   3.485   1.00 15.87 ? 2668 MET A SD  1 
ATOM   274 C CE  . MET A 1 39 ? 2.016   5.075   2.212   1.00 16.43 ? 2668 MET A CE  1 
ATOM   275 N N   . MET A 1 40 ? 3.409   2.812   6.317   1.00 13.50 ? 2669 MET A N   1 
ATOM   276 C CA  . MET A 1 40 ? 4.246   1.700   5.900   1.00 13.69 ? 2669 MET A CA  1 
ATOM   277 C C   . MET A 1 40 ? 3.496   0.766   4.955   1.00 13.46 ? 2669 MET A C   1 
ATOM   278 O O   . MET A 1 40 ? 2.332   0.436   5.187   1.00 13.91 ? 2669 MET A O   1 
ATOM   279 C CB  . MET A 1 40 ? 4.695   0.893   7.107   1.00 16.07 ? 2669 MET A CB  1 
ATOM   280 C CG  . MET A 1 40 ? 5.467   1.726   8.113   1.00 17.93 ? 2669 MET A CG  1 
ATOM   281 S SD  . MET A 1 40 ? 6.301   0.771   9.399   1.00 24.25 ? 2669 MET A SD  1 
ATOM   282 C CE  . MET A 1 40 ? 7.245   -0.308  8.549   1.00 26.50 ? 2669 MET A CE  1 
ATOM   283 N N   . VAL A 1 41 ? 4.200   0.326   3.925   1.00 12.35 ? 2670 VAL A N   1 
ATOM   284 C CA  . VAL A 1 41 ? 3.685   -0.590  2.919   1.00 12.19 ? 2670 VAL A CA  1 
ATOM   285 C C   . VAL A 1 41 ? 4.563   -1.815  2.833   1.00 12.17 ? 2670 VAL A C   1 
ATOM   286 O O   . VAL A 1 41 ? 5.809   -1.721  2.785   1.00 14.62 ? 2670 VAL A O   1 
ATOM   287 C CB  . VAL A 1 41 ? 3.721   0.061   1.545   1.00 12.77 ? 2670 VAL A CB  1 
ATOM   288 C CG1 . VAL A 1 41 ? 3.302   -0.937  0.472   1.00 13.39 ? 2670 VAL A CG1 1 
ATOM   289 C CG2 . VAL A 1 41 ? 2.829   1.270   1.548   1.00 15.28 ? 2670 VAL A CG2 1 
ATOM   290 N N   . GLY A 1 42 ? 3.938   -2.978  2.786   1.00 10.17 ? 2671 GLY A N   1 
ATOM   291 C CA  . GLY A 1 42 ? 4.652   -4.207  2.556   1.00 9.84  ? 2671 GLY A CA  1 
ATOM   292 C C   . GLY A 1 42 ? 3.901   -5.073  1.575   1.00 9.82  ? 2671 GLY A C   1 
ATOM   293 O O   . GLY A 1 42 ? 2.680   -5.085  1.549   1.00 10.43 ? 2671 GLY A O   1 
ATOM   294 N N   . VAL A 1 43 ? 4.638   -5.787  0.757   1.00 10.95 ? 2672 VAL A N   1 
ATOM   295 C CA  . VAL A 1 43 ? 4.061   -6.715  -0.188  1.00 12.41 ? 2672 VAL A CA  1 
ATOM   296 C C   . VAL A 1 43 ? 4.724   -8.064  0.068   1.00 14.63 ? 2672 VAL A C   1 
ATOM   297 O O   . VAL A 1 43 ? 5.953   -8.202  -0.073  1.00 15.59 ? 2672 VAL A O   1 
ATOM   298 C CB  . VAL A 1 43 ? 4.328   -6.253  -1.619  1.00 14.66 ? 2672 VAL A CB  1 
ATOM   299 C CG1 . VAL A 1 43 ? 3.666   -7.191  -2.625  1.00 17.55 ? 2672 VAL A CG1 1 
ATOM   300 C CG2 . VAL A 1 43 ? 3.853   -4.807  -1.800  1.00 14.95 ? 2672 VAL A CG2 1 
ATOM   301 N N   . HIS A 1 44 ? 3.906   -9.030  0.470   1.00 14.58 ? 2673 HIS A N   1 
ATOM   302 C CA  . HIS A 1 44 ? 4.333   -10.376 0.789   1.00 13.94 ? 2673 HIS A CA  1 
ATOM   303 C C   . HIS A 1 44 ? 4.091   -11.217 -0.454  1.00 13.64 ? 2673 HIS A C   1 
ATOM   304 O O   . HIS A 1 44 ? 2.948   -11.390 -0.889  1.00 12.02 ? 2673 HIS A O   1 
ATOM   305 C CB  . HIS A 1 44 ? 3.520   -10.921 1.983   1.00 15.62 ? 2673 HIS A CB  1 
ATOM   306 C CG  . HIS A 1 44 ? 3.746   -12.372 2.265   1.00 18.49 ? 2673 HIS A CG  1 
ATOM   307 N ND1 . HIS A 1 44 ? 3.131   -13.377 1.543   1.00 21.60 ? 2673 HIS A ND1 1 
ATOM   308 C CD2 . HIS A 1 44 ? 4.486   -12.991 3.217   1.00 21.64 ? 2673 HIS A CD2 1 
ATOM   309 C CE1 . HIS A 1 44 ? 3.502   -14.549 2.026   1.00 21.04 ? 2673 HIS A CE1 1 
ATOM   310 N NE2 . HIS A 1 44 ? 4.322   -14.342 3.038   1.00 20.19 ? 2673 HIS A NE2 1 
ATOM   311 N N   . GLY A 1 45 ? 5.178   -11.701 -1.021  1.00 14.55 ? 2674 GLY A N   1 
ATOM   312 C CA  . GLY A 1 45 ? 5.132   -12.744 -2.030  1.00 14.64 ? 2674 GLY A CA  1 
ATOM   313 C C   . GLY A 1 45 ? 5.481   -14.079 -1.383  1.00 15.61 ? 2674 GLY A C   1 
ATOM   314 O O   . GLY A 1 45 ? 6.479   -14.181 -0.693  1.00 16.20 ? 2674 GLY A O   1 
ATOM   315 N N   . PRO A 1 46 ? 4.663   -15.107 -1.558  1.00 14.88 ? 2675 PRO A N   1 
ATOM   316 C CA  . PRO A 1 46 ? 4.918   -16.385 -0.878  1.00 16.25 ? 2675 PRO A CA  1 
ATOM   317 C C   . PRO A 1 46 ? 6.171   -17.095 -1.406  1.00 16.41 ? 2675 PRO A C   1 
ATOM   318 O O   . PRO A 1 46 ? 6.729   -17.947 -0.720  1.00 17.12 ? 2675 PRO A O   1 
ATOM   319 C CB  . PRO A 1 46 ? 3.643   -17.192 -1.156  1.00 16.91 ? 2675 PRO A CB  1 
ATOM   320 C CG  . PRO A 1 46 ? 3.084   -16.592 -2.343  1.00 17.53 ? 2675 PRO A CG  1 
ATOM   321 C CD  . PRO A 1 46 ? 3.415   -15.133 -2.334  1.00 16.84 ? 2675 PRO A CD  1 
ATOM   322 N N   . LYS A 1 47 ? 6.615   -16.727 -2.597  1.00 17.65 ? 2676 LYS A N   1 
ATOM   323 C CA  . LYS A 1 47 ? 7.709   -17.443 -3.243  1.00 18.25 ? 2676 LYS A CA  1 
ATOM   324 C C   . LYS A 1 47 ? 8.857   -16.537 -3.673  1.00 19.41 ? 2676 LYS A C   1 
ATOM   325 O O   . LYS A 1 47 ? 10.027  -16.888 -3.524  1.00 21.74 ? 2676 LYS A O   1 
ATOM   326 C CB  . LYS A 1 47 ? 7.157   -18.192 -4.450  1.00 19.64 ? 2676 LYS A CB  1 
ATOM   327 C CG  . LYS A 1 47 ? 8.051   -19.288 -4.941  1.00 22.01 ? 2676 LYS A CG  1 
ATOM   328 C CD  . LYS A 1 47 ? 7.529   -19.902 -6.213  1.00 22.91 ? 2676 LYS A CD  1 
ATOM   329 C CE  . LYS A 1 47 ? 8.623   -20.686 -6.911  1.00 25.34 ? 2676 LYS A CE  1 
ATOM   330 N NZ  . LYS A 1 47 ? 9.484   -19.797 -7.732  1.00 24.35 ? 2676 LYS A NZ  1 
ATOM   331 N N   . THR A 1 48 ? 8.503   -15.373 -4.201  1.00 19.35 ? 2677 THR A N   1 
ATOM   332 C CA  . THR A 1 48 ? 9.424   -14.436 -4.811  1.00 19.07 ? 2677 THR A CA  1 
ATOM   333 C C   . THR A 1 48 ? 9.076   -13.041 -4.317  1.00 18.38 ? 2677 THR A C   1 
ATOM   334 O O   . THR A 1 48 ? 7.918   -12.611 -4.380  1.00 17.29 ? 2677 THR A O   1 
ATOM   335 C CB  . THR A 1 48 ? 9.268   -14.470 -6.335  1.00 19.16 ? 2677 THR A CB  1 
ATOM   336 O OG1 . THR A 1 48 ? 9.634   -15.763 -6.832  1.00 21.47 ? 2677 THR A OG1 1 
ATOM   337 C CG2 . THR A 1 48 ? 10.217  -13.497 -7.007  1.00 18.05 ? 2677 THR A CG2 1 
ATOM   338 N N   . PRO A 1 49 ? 10.061  -12.311 -3.814  1.00 17.15 ? 2678 PRO A N   1 
ATOM   339 C CA  . PRO A 1 49 ? 9.773   -11.010 -3.236  1.00 16.54 ? 2678 PRO A CA  1 
ATOM   340 C C   . PRO A 1 49 ? 9.366   -9.962  -4.246  1.00 16.26 ? 2678 PRO A C   1 
ATOM   341 O O   . PRO A 1 49 ? 9.658   -10.048 -5.434  1.00 15.63 ? 2678 PRO A O   1 
ATOM   342 C CB  . PRO A 1 49 ? 11.121  -10.591 -2.611  1.00 17.22 ? 2678 PRO A CB  1 
ATOM   343 C CG  . PRO A 1 49 ? 11.946  -11.753 -2.624  1.00 19.59 ? 2678 PRO A CG  1 
ATOM   344 C CD  . PRO A 1 49 ? 11.494  -12.645 -3.720  1.00 17.49 ? 2678 PRO A CD  1 
ATOM   345 N N   . CYS A 1 50 ? 8.723   -8.939  -3.733  1.00 16.06 ? 2679 CYS A N   1 
ATOM   346 C CA  . CYS A 1 50 ? 8.411   -7.745  -4.469  1.00 15.99 ? 2679 CYS A CA  1 
ATOM   347 C C   . CYS A 1 50 ? 9.728   -7.050  -4.925  1.00 14.81 ? 2679 CYS A C   1 
ATOM   348 O O   . CYS A 1 50 ? 10.653  -6.930  -4.138  1.00 16.98 ? 2679 CYS A O   1 
ATOM   349 C CB  A CYS A 1 50 ? 7.592   -6.890  -3.525  0.54 17.23 ? 2679 CYS A CB  1 
ATOM   350 C CB  B CYS A 1 50 ? 7.592   -6.775  -3.603  0.47 17.72 ? 2679 CYS A CB  1 
ATOM   351 S SG  A CYS A 1 50 ? 7.291   -5.233  -4.090  0.54 14.54 ? 2679 CYS A SG  1 
ATOM   352 S SG  B CYS A 1 50 ? 6.064   -6.110  -4.352  0.47 19.92 ? 2679 CYS A SG  1 
ATOM   353 N N   . GLU A 1 51 ? 9.816   -6.552  -6.150  1.00 11.77 ? 2680 GLU A N   1 
ATOM   354 C CA  . GLU A 1 51 ? 11.067  -6.016  -6.692  1.00 11.53 ? 2680 GLU A CA  1 
ATOM   355 C C   . GLU A 1 51 ? 11.337  -4.569  -6.255  1.00 12.62 ? 2680 GLU A C   1 
ATOM   356 O O   . GLU A 1 51 ? 12.422  -4.235  -5.773  1.00 13.69 ? 2680 GLU A O   1 
ATOM   357 C CB  . GLU A 1 51 ? 11.068  -6.129  -8.219  1.00 15.25 ? 2680 GLU A CB  1 
ATOM   358 C CG  . GLU A 1 51 ? 12.383  -5.735  -8.847  1.00 20.40 ? 2680 GLU A CG  1 
ATOM   359 C CD  . GLU A 1 51 ? 13.435  -6.834  -8.782  1.00 24.80 ? 2680 GLU A CD  1 
ATOM   360 O OE1 . GLU A 1 51 ? 13.160  -7.931  -8.240  1.00 25.50 ? 2680 GLU A OE1 1 
ATOM   361 O OE2 . GLU A 1 51 ? 14.545  -6.590  -9.292  1.00 31.99 ? 2680 GLU A OE2 1 
ATOM   362 N N   . GLU A 1 52 ? 10.362  -3.701  -6.444  1.00 10.09 ? 2681 GLU A N   1 
ATOM   363 C CA  . GLU A 1 52 ? 10.464  -2.294  -6.077  1.00 9.58  ? 2681 GLU A CA  1 
ATOM   364 C C   . GLU A 1 52 ? 9.211   -1.887  -5.356  1.00 11.19 ? 2681 GLU A C   1 
ATOM   365 O O   . GLU A 1 52 ? 8.113   -2.284  -5.747  1.00 10.55 ? 2681 GLU A O   1 
ATOM   366 C CB  . GLU A 1 52 ? 10.590  -1.418  -7.303  1.00 11.33 ? 2681 GLU A CB  1 
ATOM   367 C CG  . GLU A 1 52 ? 11.867  -1.574  -8.096  1.00 12.96 ? 2681 GLU A CG  1 
ATOM   368 C CD  . GLU A 1 52 ? 11.863  -0.724  -9.356  1.00 14.82 ? 2681 GLU A CD  1 
ATOM   369 O OE1 . GLU A 1 52 ? 11.289  -1.144  -10.382 1.00 20.94 ? 2681 GLU A OE1 1 
ATOM   370 O OE2 . GLU A 1 52 ? 12.422  0.369   -9.328  1.00 17.49 ? 2681 GLU A OE2 1 
ATOM   371 N N   . VAL A 1 53 ? 9.357   -1.097  -4.312  1.00 10.40 ? 2682 VAL A N   1 
ATOM   372 C CA  . VAL A 1 53 ? 8.247   -0.427  -3.639  1.00 10.50 ? 2682 VAL A CA  1 
ATOM   373 C C   . VAL A 1 53 ? 8.653   1.020   -3.494  1.00 10.72 ? 2682 VAL A C   1 
ATOM   374 O O   . VAL A 1 53 ? 9.769   1.346   -3.062  1.00 10.34 ? 2682 VAL A O   1 
ATOM   375 C CB  . VAL A 1 53 ? 7.958   -1.023  -2.269  1.00 10.63 ? 2682 VAL A CB  1 
ATOM   376 C CG1 . VAL A 1 53 ? 6.907   -0.224  -1.529  1.00 13.92 ? 2682 VAL A CG1 1 
ATOM   377 C CG2 . VAL A 1 53 ? 7.580   -2.474  -2.409  1.00 13.08 ? 2682 VAL A CG2 1 
ATOM   378 N N   . TYR A 1 54 ? 7.779   1.918   -3.899  1.00 10.53 ? 2683 TYR A N   1 
ATOM   379 C CA  . TYR A 1 54 ? 8.070   3.335   -3.939  1.00 10.11 ? 2683 TYR A CA  1 
ATOM   380 C C   . TYR A 1 54 ? 6.888   4.078   -3.403  1.00 10.24 ? 2683 TYR A C   1 
ATOM   381 O O   . TYR A 1 54 ? 5.745   3.886   -3.853  1.00 11.51 ? 2683 TYR A O   1 
ATOM   382 C CB  . TYR A 1 54 ? 8.347   3.769   -5.370  1.00 9.94  ? 2683 TYR A CB  1 
ATOM   383 C CG  . TYR A 1 54 ? 8.574   5.252   -5.557  1.00 11.07 ? 2683 TYR A CG  1 
ATOM   384 C CD1 . TYR A 1 54 ? 9.681   5.881   -5.006  1.00 13.71 ? 2683 TYR A CD1 1 
ATOM   385 C CD2 . TYR A 1 54 ? 7.706   6.026   -6.323  1.00 11.30 ? 2683 TYR A CD2 1 
ATOM   386 C CE1 . TYR A 1 54 ? 9.886   7.245   -5.170  1.00 11.91 ? 2683 TYR A CE1 1 
ATOM   387 C CE2 . TYR A 1 54 ? 7.919   7.373   -6.490  1.00 10.06 ? 2683 TYR A CE2 1 
ATOM   388 C CZ  . TYR A 1 54 ? 9.008   7.969   -5.937  1.00 11.80 ? 2683 TYR A CZ  1 
ATOM   389 O OH  . TYR A 1 54 ? 9.219   9.326   -6.127  1.00 13.06 ? 2683 TYR A OH  1 
ATOM   390 N N   . VAL A 1 55 ? 7.139   4.940   -2.431  1.00 9.32  ? 2684 VAL A N   1 
ATOM   391 C CA  . VAL A 1 55 ? 6.116   5.720   -1.769  1.00 8.65  ? 2684 VAL A CA  1 
ATOM   392 C C   . VAL A 1 55 ? 6.479   7.170   -1.876  1.00 9.34  ? 2684 VAL A C   1 
ATOM   393 O O   . VAL A 1 55 ? 7.558   7.585   -1.409  1.00 9.54  ? 2684 VAL A O   1 
ATOM   394 C CB  . VAL A 1 55 ? 6.005   5.332   -0.306  1.00 8.73  ? 2684 VAL A CB  1 
ATOM   395 C CG1 . VAL A 1 55 ? 4.917   6.152   0.427   1.00 11.44 ? 2684 VAL A CG1 1 
ATOM   396 C CG2 . VAL A 1 55 ? 5.742   3.832   -0.173  1.00 10.12 ? 2684 VAL A CG2 1 
ATOM   397 N N   . LYS A 1 56 ? 5.611   7.945   -2.510  1.00 9.27  ? 2685 LYS A N   1 
ATOM   398 C CA  . LYS A 1 56 ? 5.834   9.355   -2.802  1.00 8.79  ? 2685 LYS A CA  1 
ATOM   399 C C   . LYS A 1 56 ? 4.793   10.198  -2.073  1.00 9.20  ? 2685 LYS A C   1 
ATOM   400 O O   . LYS A 1 56 ? 3.590   10.023  -2.286  1.00 8.83  ? 2685 LYS A O   1 
ATOM   401 C CB  . LYS A 1 56 ? 5.672   9.582   -4.300  1.00 12.33 ? 2685 LYS A CB  1 
ATOM   402 C CG  . LYS A 1 56 ? 5.900   10.997  -4.784  1.00 13.78 ? 2685 LYS A CG  1 
ATOM   403 C CD  . LYS A 1 56 ? 5.840   11.085  -6.316  1.00 19.85 ? 2685 LYS A CD  1 
ATOM   404 C CE  . LYS A 1 56 ? 6.070   12.525  -6.821  1.00 24.07 ? 2685 LYS A CE  1 
ATOM   405 N NZ  . LYS A 1 56 ? 7.095   13.293  -6.037  1.00 27.42 ? 2685 LYS A NZ  1 
ATOM   406 N N   . HIS A 1 57 ? 5.228   11.133  -1.245  1.00 8.93  ? 2686 HIS A N   1 
ATOM   407 C CA  . HIS A 1 57 ? 4.345   12.101  -0.637  1.00 7.87  ? 2686 HIS A CA  1 
ATOM   408 C C   . HIS A 1 57 ? 3.960   13.157  -1.646  1.00 10.27 ? 2686 HIS A C   1 
ATOM   409 O O   . HIS A 1 57 ? 4.821   13.794  -2.232  1.00 11.82 ? 2686 HIS A O   1 
ATOM   410 C CB  . HIS A 1 57 ? 5.036   12.739  0.571   1.00 8.72  ? 2686 HIS A CB  1 
ATOM   411 C CG  . HIS A 1 57 ? 4.165   13.671  1.337   1.00 10.25 ? 2686 HIS A CG  1 
ATOM   412 N ND1 . HIS A 1 57 ? 4.552   14.950  1.660   1.00 11.98 ? 2686 HIS A ND1 1 
ATOM   413 C CD2 . HIS A 1 57 ? 2.915   13.525  1.819   1.00 8.03  ? 2686 HIS A CD2 1 
ATOM   414 C CE1 . HIS A 1 57 ? 3.567   15.547  2.308   1.00 11.02 ? 2686 HIS A CE1 1 
ATOM   415 N NE2 . HIS A 1 57 ? 2.563   14.701  2.420   1.00 9.19  ? 2686 HIS A NE2 1 
ATOM   416 N N   . MET A 1 58 ? 2.657   13.305  -1.848  1.00 9.24  ? 2687 MET A N   1 
ATOM   417 C CA  . MET A 1 58 ? 2.048   14.244  -2.788  1.00 10.57 ? 2687 MET A CA  1 
ATOM   418 C C   . MET A 1 58 ? 1.575   15.541  -2.155  1.00 10.92 ? 2687 MET A C   1 
ATOM   419 O O   . MET A 1 58 ? 1.040   16.405  -2.841  1.00 14.45 ? 2687 MET A O   1 
ATOM   420 C CB  . MET A 1 58 ? 0.806   13.587  -3.414  1.00 10.88 ? 2687 MET A CB  1 
ATOM   421 C CG  . MET A 1 58 ? 1.094   12.218  -4.000  1.00 14.56 ? 2687 MET A CG  1 
ATOM   422 S SD  . MET A 1 58 ? 2.400   12.185  -5.229  1.00 16.69 ? 2687 MET A SD  1 
ATOM   423 C CE  . MET A 1 58 ? 1.625   13.049  -6.608  1.00 19.67 ? 2687 MET A CE  1 
ATOM   424 N N   . GLY A 1 59 ? 1.754   15.678  -0.863  1.00 10.32 ? 2688 GLY A N   1 
ATOM   425 C CA  . GLY A 1 59 ? 1.217   16.802  -0.115  1.00 10.47 ? 2688 GLY A CA  1 
ATOM   426 C C   . GLY A 1 59 ? 0.111   16.356  0.809   1.00 10.32 ? 2688 GLY A C   1 
ATOM   427 O O   . GLY A 1 59 ? -0.647  15.436  0.519   1.00 10.34 ? 2688 GLY A O   1 
ATOM   428 N N   . ASN A 1 60 ? 0.017   17.011  1.967   1.00 10.86 ? 2689 ASN A N   1 
ATOM   429 C CA  . ASN A 1 60 ? -1.083  16.794  2.918   1.00 11.55 ? 2689 ASN A CA  1 
ATOM   430 C C   . ASN A 1 60 ? -1.234  15.356  3.411   1.00 11.89 ? 2689 ASN A C   1 
ATOM   431 O O   . ASN A 1 60 ? -2.347  14.910  3.730   1.00 12.08 ? 2689 ASN A O   1 
ATOM   432 C CB  A ASN A 1 60 ? -2.417  17.258  2.334   0.51 12.73 ? 2689 ASN A CB  1 
ATOM   433 C CB  B ASN A 1 60 ? -2.398  17.257  2.262   0.49 12.28 ? 2689 ASN A CB  1 
ATOM   434 C CG  A ASN A 1 60 ? -2.548  18.751  2.313   0.51 15.91 ? 2689 ASN A CG  1 
ATOM   435 C CG  B ASN A 1 60 ? -3.516  17.480  3.256   0.49 13.26 ? 2689 ASN A CG  1 
ATOM   436 O OD1 A ASN A 1 60 ? -1.841  19.469  3.030   0.51 18.02 ? 2689 ASN A OD1 1 
ATOM   437 O OD1 B ASN A 1 60 ? -3.281  17.803  4.425   0.49 14.45 ? 2689 ASN A OD1 1 
ATOM   438 N ND2 A ASN A 1 60 ? -3.477  19.238  1.506   0.51 14.38 ? 2689 ASN A ND2 1 
ATOM   439 N ND2 B ASN A 1 60 ? -4.753  17.321  2.791   0.49 14.19 ? 2689 ASN A ND2 1 
ATOM   440 N N   . ARG A 1 61 ? -0.131  14.628  3.450   1.00 11.28 ? 2690 ARG A N   1 
ATOM   441 C CA  . ARG A 1 61 ? -0.129  13.226  3.851   1.00 12.28 ? 2690 ARG A CA  1 
ATOM   442 C C   . ARG A 1 61 ? -0.982  12.351  2.948   1.00 12.64 ? 2690 ARG A C   1 
ATOM   443 O O   . ARG A 1 61 ? -1.533  11.342  3.359   1.00 12.22 ? 2690 ARG A O   1 
ATOM   444 C CB  . ARG A 1 61 ? -0.555  13.097  5.314   1.00 14.61 ? 2690 ARG A CB  1 
ATOM   445 C CG  . ARG A 1 61 ? 0.429   13.786  6.254   1.00 18.75 ? 2690 ARG A CG  1 
ATOM   446 C CD  . ARG A 1 61 ? 0.020   15.193  6.684   1.00 25.06 ? 2690 ARG A CD  1 
ATOM   447 N NE  . ARG A 1 61 ? 0.725   16.259  5.958   1.00 33.99 ? 2690 ARG A NE  1 
ATOM   448 C CZ  . ARG A 1 61 ? 1.722   17.010  6.444   1.00 37.95 ? 2690 ARG A CZ  1 
ATOM   449 N NH1 . ARG A 1 61 ? 2.183   16.825  7.683   1.00 40.65 ? 2690 ARG A NH1 1 
ATOM   450 N NH2 . ARG A 1 61 ? 2.268   17.952  5.676   1.00 38.63 ? 2690 ARG A NH2 1 
ATOM   451 N N   . VAL A 1 62 ? -1.052  12.748  1.693   1.00 10.61 ? 2691 VAL A N   1 
ATOM   452 C CA  . VAL A 1 62 ? -1.580  11.913  0.627   1.00 9.80  ? 2691 VAL A CA  1 
ATOM   453 C C   . VAL A 1 62 ? -0.367  11.337  -0.087  1.00 9.87  ? 2691 VAL A C   1 
ATOM   454 O O   . VAL A 1 62 ? 0.511   12.077  -0.516  1.00 9.80  ? 2691 VAL A O   1 
ATOM   455 C CB  . VAL A 1 62 ? -2.426  12.724  -0.355  1.00 10.04 ? 2691 VAL A CB  1 
ATOM   456 C CG1 . VAL A 1 62 ? -2.924  11.822  -1.535  1.00 11.66 ? 2691 VAL A CG1 1 
ATOM   457 C CG2 . VAL A 1 62 ? -3.592  13.351  0.361   1.00 10.08 ? 2691 VAL A CG2 1 
ATOM   458 N N   . TYR A 1 63 ? -0.329  10.017  -0.212  1.00 9.74  ? 2692 TYR A N   1 
ATOM   459 C CA  . TYR A 1 63 ? 0.781   9.324   -0.841  1.00 9.49  ? 2692 TYR A CA  1 
ATOM   460 C C   . TYR A 1 63 ? 0.390   8.534   -2.066  1.00 9.57  ? 2692 TYR A C   1 
ATOM   461 O O   . TYR A 1 63 ? -0.697  7.946   -2.109  1.00 10.77 ? 2692 TYR A O   1 
ATOM   462 C CB  . TYR A 1 63 ? 1.385   8.319   0.134   1.00 10.38 ? 2692 TYR A CB  1 
ATOM   463 C CG  . TYR A 1 63 ? 1.885   8.910   1.430   1.00 10.72 ? 2692 TYR A CG  1 
ATOM   464 C CD1 . TYR A 1 63 ? 1.028   9.116   2.498   1.00 12.43 ? 2692 TYR A CD1 1 
ATOM   465 C CD2 . TYR A 1 63 ? 3.206   9.243   1.594   1.00 10.30 ? 2692 TYR A CD2 1 
ATOM   466 C CE1 . TYR A 1 63 ? 1.478   9.643   3.686   1.00 13.33 ? 2692 TYR A CE1 1 
ATOM   467 C CE2 . TYR A 1 63 ? 3.660   9.771   2.786   1.00 11.69 ? 2692 TYR A CE2 1 
ATOM   468 C CZ  . TYR A 1 63 ? 2.782   9.974   3.825   1.00 14.08 ? 2692 TYR A CZ  1 
ATOM   469 O OH  . TYR A 1 63 ? 3.198   10.484  5.046   1.00 16.44 ? 2692 TYR A OH  1 
ATOM   470 N N   . ASN A 1 64 ? 1.272   8.499   -3.039  1.00 9.40  ? 2693 ASN A N   1 
ATOM   471 C CA  . ASN A 1 64 ? 1.170   7.565   -4.132  1.00 9.75  ? 2693 ASN A CA  1 
ATOM   472 C C   . ASN A 1 64 ? 2.151   6.446   -3.912  1.00 10.36 ? 2693 ASN A C   1 
ATOM   473 O O   . ASN A 1 64 ? 3.328   6.688   -3.639  1.00 11.22 ? 2693 ASN A O   1 
ATOM   474 C CB  . ASN A 1 64 ? 1.478   8.193   -5.489  1.00 12.79 ? 2693 ASN A CB  1 
ATOM   475 C CG  . ASN A 1 64 ? 1.346   7.161   -6.630  1.00 19.67 ? 2693 ASN A CG  1 
ATOM   476 O OD1 . ASN A 1 64 ? 0.242   6.722   -6.958  1.00 24.62 ? 2693 ASN A OD1 1 
ATOM   477 N ND2 . ASN A 1 64 ? 2.481   6.719   -7.170  1.00 27.40 ? 2693 ASN A ND2 1 
ATOM   478 N N   . VAL A 1 65 ? 1.673   5.217   -4.029  1.00 8.58  ? 2694 VAL A N   1 
ATOM   479 C CA  . VAL A 1 65 ? 2.486   4.032   -3.902  1.00 7.53  ? 2694 VAL A CA  1 
ATOM   480 C C   . VAL A 1 65 ? 2.546   3.324   -5.240  1.00 7.74  ? 2694 VAL A C   1 
ATOM   481 O O   . VAL A 1 65 ? 1.517   3.115   -5.868  1.00 8.36  ? 2694 VAL A O   1 
ATOM   482 C CB  . VAL A 1 65 ? 1.925   3.072   -2.851  1.00 8.08  ? 2694 VAL A CB  1 
ATOM   483 C CG1 . VAL A 1 65 ? 2.797   1.830   -2.725  1.00 9.66  ? 2694 VAL A CG1 1 
ATOM   484 C CG2 . VAL A 1 65 ? 1.729   3.765   -1.504  1.00 10.12 ? 2694 VAL A CG2 1 
ATOM   485 N N   . THR A 1 66 ? 3.742   2.937   -5.652  1.00 7.68  ? 2695 THR A N   1 
ATOM   486 C CA  . THR A 1 66 ? 3.942   2.147   -6.844  1.00 7.69  ? 2695 THR A CA  1 
ATOM   487 C C   . THR A 1 66 ? 4.828   0.971   -6.499  1.00 8.55  ? 2695 THR A C   1 
ATOM   488 O O   . THR A 1 66 ? 5.794   1.089   -5.762  1.00 9.17  ? 2695 THR A O   1 
ATOM   489 C CB  . THR A 1 66 ? 4.593   2.976   -7.929  1.00 9.11  ? 2695 THR A CB  1 
ATOM   490 O OG1 . THR A 1 66 ? 3.716   4.051   -8.255  1.00 11.56 ? 2695 THR A OG1 1 
ATOM   491 C CG2 . THR A 1 66 ? 4.764   2.177   -9.233  1.00 8.53  ? 2695 THR A CG2 1 
ATOM   492 N N   . TYR A 1 67 ? 4.500   -0.191  -7.012  1.00 8.03  ? 2696 TYR A N   1 
ATOM   493 C CA  . TYR A 1 67 ? 5.302   -1.374  -6.764  1.00 8.92  ? 2696 TYR A CA  1 
ATOM   494 C C   . TYR A 1 67 ? 5.369   -2.275  -7.976  1.00 8.58  ? 2696 TYR A C   1 
ATOM   495 O O   . TYR A 1 67 ? 4.546   -2.191  -8.899  1.00 8.57  ? 2696 TYR A O   1 
ATOM   496 C CB  . TYR A 1 67 ? 4.816   -2.158  -5.539  1.00 8.53  ? 2696 TYR A CB  1 
ATOM   497 C CG  . TYR A 1 67 ? 3.451   -2.806  -5.715  1.00 7.93  ? 2696 TYR A CG  1 
ATOM   498 C CD1 . TYR A 1 67 ? 2.280   -2.108  -5.455  1.00 8.03  ? 2696 TYR A CD1 1 
ATOM   499 C CD2 . TYR A 1 67 ? 3.344   -4.122  -6.111  1.00 9.22  ? 2696 TYR A CD2 1 
ATOM   500 C CE1 . TYR A 1 67 ? 1.036   -2.707  -5.602  1.00 7.99  ? 2696 TYR A CE1 1 
ATOM   501 C CE2 . TYR A 1 67 ? 2.104   -4.721  -6.248  1.00 7.24  ? 2696 TYR A CE2 1 
ATOM   502 C CZ  . TYR A 1 67 ? 0.976   -4.017  -6.003  1.00 9.50  ? 2696 TYR A CZ  1 
ATOM   503 O OH  . TYR A 1 67 ? -0.250  -4.655  -6.157  1.00 9.98  ? 2696 TYR A OH  1 
ATOM   504 N N   . THR A 1 68 ? 6.379   -3.137  -7.988  1.00 8.94  ? 2697 THR A N   1 
ATOM   505 C CA  . THR A 1 68 ? 6.572   -4.067  -9.090  1.00 8.84  ? 2697 THR A CA  1 
ATOM   506 C C   . THR A 1 68 ? 6.779   -5.463  -8.558  1.00 9.29  ? 2697 THR A C   1 
ATOM   507 O O   . THR A 1 68 ? 7.249   -5.661  -7.435  1.00 9.32  ? 2697 THR A O   1 
ATOM   508 C CB  . THR A 1 68 ? 7.741   -3.705  -9.973  1.00 9.39  ? 2697 THR A CB  1 
ATOM   509 O OG1 . THR A 1 68 ? 8.937   -3.688  -9.182  1.00 10.90 ? 2697 THR A OG1 1 
ATOM   510 C CG2 . THR A 1 68 ? 7.559   -2.321  -10.555 1.00 11.35 ? 2697 THR A CG2 1 
ATOM   511 N N   . VAL A 1 69 ? 6.402   -6.435  -9.371  1.00 9.58  ? 2698 VAL A N   1 
ATOM   512 C CA  . VAL A 1 69 ? 6.454   -7.843  -9.020  1.00 9.30  ? 2698 VAL A CA  1 
ATOM   513 C C   . VAL A 1 69 ? 7.114   -8.592  -10.176 1.00 9.68  ? 2698 VAL A C   1 
ATOM   514 O O   . VAL A 1 69 ? 7.056   -8.157  -11.327 1.00 10.80 ? 2698 VAL A O   1 
ATOM   515 C CB  . VAL A 1 69 ? 5.039   -8.433  -8.778  1.00 10.97 ? 2698 VAL A CB  1 
ATOM   516 C CG1 . VAL A 1 69 ? 4.476   -7.875  -7.468  1.00 11.34 ? 2698 VAL A CG1 1 
ATOM   517 C CG2 . VAL A 1 69 ? 4.118   -8.180  -9.939  1.00 12.50 ? 2698 VAL A CG2 1 
ATOM   518 N N   . LYS A 1 70 ? 7.703   -9.741  -9.866  1.00 10.38 ? 2699 LYS A N   1 
ATOM   519 C CA  . LYS A 1 70 ? 8.469   -10.505 -10.853 1.00 12.12 ? 2699 LYS A CA  1 
ATOM   520 C C   . LYS A 1 70 ? 7.875   -11.852 -11.201 1.00 12.05 ? 2699 LYS A C   1 
ATOM   521 O O   . LYS A 1 70 ? 8.288   -12.455 -12.183 1.00 14.54 ? 2699 LYS A O   1 
ATOM   522 C CB  . LYS A 1 70 ? 9.883   -10.737 -10.313 1.00 14.47 ? 2699 LYS A CB  1 
ATOM   523 C CG  . LYS A 1 70 ? 10.666  -9.460  -10.100 1.00 21.43 ? 2699 LYS A CG  1 
ATOM   524 C CD  . LYS A 1 70 ? 10.910  -8.751  -11.416 1.00 25.75 ? 2699 LYS A CD  1 
ATOM   525 C CE  . LYS A 1 70 ? 12.232  -9.153  -12.055 1.00 29.81 ? 2699 LYS A CE  1 
ATOM   526 N NZ  . LYS A 1 70 ? 12.976  -7.932  -12.463 1.00 32.58 ? 2699 LYS A NZ  1 
ATOM   527 N N   . GLU A 1 71 ? 6.930   -12.333 -10.419 1.00 11.19 ? 2700 GLU A N   1 
ATOM   528 C CA  . GLU A 1 71 ? 6.395   -13.666 -10.584 1.00 12.08 ? 2700 GLU A CA  1 
ATOM   529 C C   . GLU A 1 71 ? 4.915   -13.677 -10.308 1.00 11.81 ? 2700 GLU A C   1 
ATOM   530 O O   . GLU A 1 71 ? 4.431   -13.029 -9.370  1.00 12.53 ? 2700 GLU A O   1 
ATOM   531 C CB  . GLU A 1 71 ? 7.077   -14.622 -9.589  1.00 13.16 ? 2700 GLU A CB  1 
ATOM   532 C CG  . GLU A 1 71 ? 6.741   -16.090 -9.830  1.00 16.85 ? 2700 GLU A CG  1 
ATOM   533 C CD  . GLU A 1 71 ? 7.426   -17.015 -8.844  1.00 20.54 ? 2700 GLU A CD  1 
ATOM   534 O OE1 . GLU A 1 71 ? 7.378   -16.715 -7.628  1.00 19.55 ? 2700 GLU A OE1 1 
ATOM   535 O OE2 . GLU A 1 71 ? 7.980   -18.048 -9.281  1.00 23.87 ? 2700 GLU A OE2 1 
ATOM   536 N N   . LYS A 1 72 ? 4.196   -14.460 -11.092 1.00 11.81 ? 2701 LYS A N   1 
ATOM   537 C CA  . LYS A 1 72 ? 2.791   -14.634 -10.882 1.00 11.58 ? 2701 LYS A CA  1 
ATOM   538 C C   . LYS A 1 72 ? 2.512   -15.289 -9.535  1.00 9.88  ? 2701 LYS A C   1 
ATOM   539 O O   . LYS A 1 72 ? 3.341   -16.014 -8.995  1.00 11.10 ? 2701 LYS A O   1 
ATOM   540 C CB  . LYS A 1 72 ? 2.175   -15.400 -12.064 1.00 13.16 ? 2701 LYS A CB  1 
ATOM   541 C CG  . LYS A 1 72 ? 2.178   -14.511 -13.309 1.00 18.60 ? 2701 LYS A CG  1 
ATOM   542 C CD  . LYS A 1 72 ? 2.426   -15.212 -14.615 1.00 22.44 ? 2701 LYS A CD  1 
ATOM   543 C CE  . LYS A 1 72 ? 2.553   -14.176 -15.730 1.00 21.21 ? 2701 LYS A CE  1 
ATOM   544 N NZ  . LYS A 1 72 ? 1.229   -13.973 -16.401 1.00 15.80 ? 2701 LYS A NZ  1 
ATOM   545 N N   . GLY A 1 73 ? 1.333   -14.995 -9.004  1.00 9.65  ? 2702 GLY A N   1 
ATOM   546 C CA  . GLY A 1 73 ? 0.882   -15.592 -7.780  1.00 10.74 ? 2702 GLY A CA  1 
ATOM   547 C C   . GLY A 1 73 ? -0.105  -14.723 -7.059  1.00 9.65  ? 2702 GLY A C   1 
ATOM   548 O O   . GLY A 1 73 ? -0.576  -13.694 -7.547  1.00 10.12 ? 2702 GLY A O   1 
ATOM   549 N N   . ASP A 1 74 ? -0.449  -15.153 -5.860  1.00 9.29  ? 2703 ASP A N   1 
ATOM   550 C CA  . ASP A 1 74 ? -1.329  -14.387 -5.024  1.00 9.08  ? 2703 ASP A CA  1 
ATOM   551 C C   . ASP A 1 74 ? -0.513  -13.758 -3.904  1.00 10.74 ? 2703 ASP A C   1 
ATOM   552 O O   . ASP A 1 74 ? 0.037   -14.453 -3.038  1.00 13.36 ? 2703 ASP A O   1 
ATOM   553 C CB  . ASP A 1 74 ? -2.513  -15.196 -4.473  1.00 10.75 ? 2703 ASP A CB  1 
ATOM   554 C CG  . ASP A 1 74 ? -3.838  -14.601 -4.882  1.00 13.45 ? 2703 ASP A CG  1 
ATOM   555 O OD1 . ASP A 1 74 ? -4.301  -14.895 -6.007  1.00 14.85 ? 2703 ASP A OD1 1 
ATOM   556 O OD2 . ASP A 1 74 ? -4.462  -13.795 -4.173  1.00 14.83 ? 2703 ASP A OD2 1 
ATOM   557 N N   . TYR A 1 75 ? -0.493  -12.436 -3.906  1.00 8.62  ? 2704 TYR A N   1 
ATOM   558 C CA  . TYR A 1 75 ? 0.312   -11.659 -2.989  1.00 8.04  ? 2704 TYR A CA  1 
ATOM   559 C C   . TYR A 1 75 ? -0.563  -11.035 -1.914  1.00 8.32  ? 2704 TYR A C   1 
ATOM   560 O O   . TYR A 1 75 ? -1.769  -10.905 -2.070  1.00 8.46  ? 2704 TYR A O   1 
ATOM   561 C CB  . TYR A 1 75 ? 1.064   -10.541 -3.733  1.00 8.53  ? 2704 TYR A CB  1 
ATOM   562 C CG  . TYR A 1 75 ? 2.177   -11.022 -4.615  1.00 8.60  ? 2704 TYR A CG  1 
ATOM   563 C CD1 . TYR A 1 75 ? 1.938   -11.778 -5.750  1.00 8.86  ? 2704 TYR A CD1 1 
ATOM   564 C CD2 . TYR A 1 75 ? 3.497   -10.716 -4.324  1.00 9.65  ? 2704 TYR A CD2 1 
ATOM   565 C CE1 . TYR A 1 75 ? 2.972   -12.215 -6.553  1.00 10.00 ? 2704 TYR A CE1 1 
ATOM   566 C CE2 . TYR A 1 75 ? 4.554   -11.129 -5.139  1.00 10.32 ? 2704 TYR A CE2 1 
ATOM   567 C CZ  . TYR A 1 75 ? 4.286   -11.876 -6.251  1.00 10.31 ? 2704 TYR A CZ  1 
ATOM   568 O OH  . TYR A 1 75 ? 5.328   -12.310 -7.052  1.00 11.81 ? 2704 TYR A OH  1 
ATOM   569 N N   . ILE A 1 76 ? 0.057   -10.613 -0.827  1.00 9.42  ? 2705 ILE A N   1 
ATOM   570 C CA  . ILE A 1 76 ? -0.661  -9.921  0.217   1.00 10.53 ? 2705 ILE A CA  1 
ATOM   571 C C   . ILE A 1 76 ? -0.017  -8.580  0.401   1.00 9.73  ? 2705 ILE A C   1 
ATOM   572 O O   . ILE A 1 76 ? 1.201   -8.492  0.606   1.00 10.67 ? 2705 ILE A O   1 
ATOM   573 C CB  . ILE A 1 76 ? -0.619  -10.728 1.544   1.00 10.94 ? 2705 ILE A CB  1 
ATOM   574 C CG1 . ILE A 1 76 ? -1.485  -11.977 1.418   1.00 12.84 ? 2705 ILE A CG1 1 
ATOM   575 C CG2 . ILE A 1 76 ? -1.041  -9.849  2.761   1.00 14.12 ? 2705 ILE A CG2 1 
ATOM   576 C CD1 . ILE A 1 76 ? -2.936  -11.715 1.559   1.00 15.63 ? 2705 ILE A CD1 1 
ATOM   577 N N   . LEU A 1 77 ? -0.830  -7.535  0.362   1.00 8.42  ? 2706 LEU A N   1 
ATOM   578 C CA  . LEU A 1 77 ? -0.369  -6.168  0.499   1.00 8.65  ? 2706 LEU A CA  1 
ATOM   579 C C   . LEU A 1 77 ? -0.849  -5.647  1.846   1.00 9.60  ? 2706 LEU A C   1 
ATOM   580 O O   . LEU A 1 77 ? -2.040  -5.716  2.147   1.00 8.69  ? 2706 LEU A O   1 
ATOM   581 C CB  . LEU A 1 77 ? -0.938  -5.322  -0.652  1.00 10.62 ? 2706 LEU A CB  1 
ATOM   582 C CG  . LEU A 1 77 ? -0.898  -3.807  -0.498  1.00 11.48 ? 2706 LEU A CG  1 
ATOM   583 C CD1 . LEU A 1 77 ? 0.494   -3.253  -0.604  1.00 11.90 ? 2706 LEU A CD1 1 
ATOM   584 C CD2 . LEU A 1 77 ? -1.800  -3.188  -1.593  1.00 13.53 ? 2706 LEU A CD2 1 
ATOM   585 N N   . ILE A 1 78 ? 0.081   -5.140  2.652   1.00 9.31  ? 2707 ILE A N   1 
ATOM   586 C CA  . ILE A 1 78 ? -0.250  -4.605  3.951   1.00 10.28 ? 2707 ILE A CA  1 
ATOM   587 C C   . ILE A 1 78 ? 0.072   -3.124  3.969   1.00 9.13  ? 2707 ILE A C   1 
ATOM   588 O O   . ILE A 1 78 ? 1.136   -2.710  3.513   1.00 9.17  ? 2707 ILE A O   1 
ATOM   589 C CB  . ILE A 1 78 ? 0.444   -5.408  5.072   1.00 11.68 ? 2707 ILE A CB  1 
ATOM   590 C CG1 . ILE A 1 78 ? -0.311  -6.754  5.261   1.00 14.14 ? 2707 ILE A CG1 1 
ATOM   591 C CG2 . ILE A 1 78 ? 0.473   -4.614  6.386   1.00 12.55 ? 2707 ILE A CG2 1 
ATOM   592 C CD1 . ILE A 1 78 ? 0.362   -7.773  6.163   1.00 17.54 ? 2707 ILE A CD1 1 
ATOM   593 N N   . VAL A 1 79 ? -0.870  -2.325  4.422   1.00 8.62  ? 2708 VAL A N   1 
ATOM   594 C CA  . VAL A 1 79 ? -0.687  -0.897  4.574   1.00 9.11  ? 2708 VAL A CA  1 
ATOM   595 C C   . VAL A 1 79 ? -0.994  -0.552  6.012   1.00 9.32  ? 2708 VAL A C   1 
ATOM   596 O O   . VAL A 1 79 ? -2.090  -0.868  6.516   1.00 9.92  ? 2708 VAL A O   1 
ATOM   597 C CB  . VAL A 1 79 ? -1.618  -0.122  3.634   1.00 10.08 ? 2708 VAL A CB  1 
ATOM   598 C CG1 . VAL A 1 79 ? -1.503  1.389   3.856   1.00 9.54  ? 2708 VAL A CG1 1 
ATOM   599 C CG2 . VAL A 1 79 ? -1.314  -0.500  2.204   1.00 9.38  ? 2708 VAL A CG2 1 
ATOM   600 N N   . LYS A 1 80 ? -0.011  0.039   6.686   1.00 10.53 ? 2709 LYS A N   1 
ATOM   601 C CA  . LYS A 1 80 ? -0.136  0.410   8.087   1.00 11.36 ? 2709 LYS A CA  1 
ATOM   602 C C   . LYS A 1 80 ? 0.080   1.896   8.292   1.00 10.62 ? 2709 LYS A C   1 
ATOM   603 O O   . LYS A 1 80 ? 0.843   2.556   7.584   1.00 10.86 ? 2709 LYS A O   1 
ATOM   604 C CB  . LYS A 1 80 ? 0.870   -0.349  8.929   1.00 13.67 ? 2709 LYS A CB  1 
ATOM   605 C CG  . LYS A 1 80 ? 0.641   -1.844  8.940   1.00 16.71 ? 2709 LYS A CG  1 
ATOM   606 C CD  . LYS A 1 80 ? 0.969   -2.489  10.264  1.00 22.68 ? 2709 LYS A CD  1 
ATOM   607 C CE  . LYS A 1 80 ? 0.379   -3.884  10.349  1.00 25.30 ? 2709 LYS A CE  1 
ATOM   608 N NZ  . LYS A 1 80 ? 0.994   -4.671  11.458  1.00 29.39 ? 2709 LYS A NZ  1 
ATOM   609 N N   . TRP A 1 81 ? -0.593  2.419   9.292   1.00 12.32 ? 2710 TRP A N   1 
ATOM   610 C CA  . TRP A 1 81 ? -0.376  3.786   9.743   1.00 12.37 ? 2710 TRP A CA  1 
ATOM   611 C C   . TRP A 1 81 ? 0.104   3.619   11.171  1.00 14.42 ? 2710 TRP A C   1 
ATOM   612 O O   . TRP A 1 81 ? -0.634  3.161   12.045  1.00 14.78 ? 2710 TRP A O   1 
ATOM   613 C CB  . TRP A 1 81 ? -1.684  4.560   9.647   1.00 12.65 ? 2710 TRP A CB  1 
ATOM   614 C CG  . TRP A 1 81 ? -1.664  6.016   10.020  1.00 14.48 ? 2710 TRP A CG  1 
ATOM   615 C CD1 . TRP A 1 81 ? -2.396  6.604   11.010  1.00 16.66 ? 2710 TRP A CD1 1 
ATOM   616 C CD2 . TRP A 1 81 ? -0.982  7.083   9.337   1.00 14.82 ? 2710 TRP A CD2 1 
ATOM   617 N NE1 . TRP A 1 81 ? -2.158  7.958   11.030  1.00 17.03 ? 2710 TRP A NE1 1 
ATOM   618 C CE2 . TRP A 1 81 ? -1.300  8.283   10.014  1.00 14.97 ? 2710 TRP A CE2 1 
ATOM   619 C CE3 . TRP A 1 81 ? -0.085  7.146   8.266   1.00 14.03 ? 2710 TRP A CE3 1 
ATOM   620 C CZ2 . TRP A 1 81 ? -0.797  9.517   9.623   1.00 16.96 ? 2710 TRP A CZ2 1 
ATOM   621 C CZ3 . TRP A 1 81 ? 0.430   8.386   7.890   1.00 14.24 ? 2710 TRP A CZ3 1 
ATOM   622 C CH2 . TRP A 1 81 ? 0.072   9.548   8.573   1.00 15.83 ? 2710 TRP A CH2 1 
ATOM   623 N N   . GLY A 1 82 ? 1.378   3.919   11.390  1.00 15.15 ? 2711 GLY A N   1 
ATOM   624 C CA  . GLY A 1 82 ? 2.038   3.412   12.578  1.00 16.31 ? 2711 GLY A CA  1 
ATOM   625 C C   . GLY A 1 82 ? 2.016   1.893   12.563  1.00 18.47 ? 2711 GLY A C   1 
ATOM   626 O O   . GLY A 1 82 ? 2.351   1.282   11.548  1.00 19.10 ? 2711 GLY A O   1 
ATOM   627 N N   . ASP A 1 83 ? 1.645   1.279   13.686  1.00 20.62 ? 2712 ASP A N   1 
ATOM   628 C CA  . ASP A 1 83 ? 1.602   -0.177  13.778  1.00 23.10 ? 2712 ASP A CA  1 
ATOM   629 C C   . ASP A 1 83 ? 0.198   -0.702  13.529  1.00 22.17 ? 2712 ASP A C   1 
ATOM   630 O O   . ASP A 1 83 ? -0.069  -1.880  13.750  1.00 23.41 ? 2712 ASP A O   1 
ATOM   631 C CB  . ASP A 1 83 ? 2.095   -0.653  15.149  1.00 25.83 ? 2712 ASP A CB  1 
ATOM   632 C CG  . ASP A 1 83 ? 3.528   -0.229  15.436  1.00 32.82 ? 2712 ASP A CG  1 
ATOM   633 O OD1 . ASP A 1 83 ? 4.445   -0.677  14.703  1.00 37.11 ? 2712 ASP A OD1 1 
ATOM   634 O OD2 . ASP A 1 83 ? 3.838   0.549   16.378  1.00 37.39 ? 2712 ASP A OD2 1 
ATOM   635 N N   . GLU A 1 84 ? -0.690  0.166   13.050  1.00 20.21 ? 2713 GLU A N   1 
ATOM   636 C CA  . GLU A 1 84 ? -2.096  -0.183  12.926  1.00 19.03 ? 2713 GLU A CA  1 
ATOM   637 C C   . GLU A 1 84 ? -2.498  -0.335  11.460  1.00 15.77 ? 2713 GLU A C   1 
ATOM   638 O O   . GLU A 1 84 ? -2.253  0.546   10.630  1.00 13.96 ? 2713 GLU A O   1 
ATOM   639 C CB  . GLU A 1 84 ? -2.947  0.897   13.582  1.00 20.77 ? 2713 GLU A CB  1 
ATOM   640 C CG  . GLU A 1 84 ? -4.379  0.487   13.869  1.00 28.51 ? 2713 GLU A CG  1 
ATOM   641 C CD  . GLU A 1 84 ? -4.924  1.134   15.133  1.00 33.58 ? 2713 GLU A CD  1 
ATOM   642 O OE1 . GLU A 1 84 ? -4.182  1.190   16.141  1.00 40.02 ? 2713 GLU A OE1 1 
ATOM   643 O OE2 . GLU A 1 84 ? -6.095  1.585   15.120  1.00 37.95 ? 2713 GLU A OE2 1 
ATOM   644 N N   . SER A 1 85 ? -3.139  -1.454  11.155  1.00 15.79 ? 2714 SER A N   1 
ATOM   645 C CA  . SER A 1 85 ? -3.640  -1.715  9.808   1.00 14.84 ? 2714 SER A CA  1 
ATOM   646 C C   . SER A 1 85 ? -4.690  -0.690  9.439   1.00 13.07 ? 2714 SER A C   1 
ATOM   647 O O   . SER A 1 85 ? -5.567  -0.375  10.233  1.00 14.94 ? 2714 SER A O   1 
ATOM   648 C CB  . SER A 1 85 ? -4.267  -3.091  9.744   1.00 15.67 ? 2714 SER A CB  1 
ATOM   649 O OG  . SER A 1 85 ? -3.270  -4.062  9.954   1.00 19.47 ? 2714 SER A OG  1 
ATOM   650 N N   . VAL A 1 86 ? -4.601  -0.159  8.223   1.00 11.06 ? 2715 VAL A N   1 
ATOM   651 C CA  . VAL A 1 86 ? -5.606  0.765   7.711   1.00 11.09 ? 2715 VAL A CA  1 
ATOM   652 C C   . VAL A 1 86 ? -6.808  -0.054  7.246   1.00 11.40 ? 2715 VAL A C   1 
ATOM   653 O O   . VAL A 1 86 ? -6.665  -1.254  6.996   1.00 10.88 ? 2715 VAL A O   1 
ATOM   654 C CB  . VAL A 1 86 ? -5.070  1.631   6.528   1.00 10.41 ? 2715 VAL A CB  1 
ATOM   655 C CG1 . VAL A 1 86 ? -3.836  2.420   6.936   1.00 12.58 ? 2715 VAL A CG1 1 
ATOM   656 C CG2 . VAL A 1 86 ? -4.789  0.807   5.268   1.00 9.77  ? 2715 VAL A CG2 1 
ATOM   657 N N   . PRO A 1 87 ? -7.979  0.569   7.120   1.00 11.35 ? 2716 PRO A N   1 
ATOM   658 C CA  . PRO A 1 87 ? -9.150  -0.152  6.603   1.00 11.59 ? 2716 PRO A CA  1 
ATOM   659 C C   . PRO A 1 87 ? -8.873  -0.822  5.264   1.00 11.28 ? 2716 PRO A C   1 
ATOM   660 O O   . PRO A 1 87 ? -8.349  -0.211  4.331   1.00 11.31 ? 2716 PRO A O   1 
ATOM   661 C CB  . PRO A 1 87 ? -10.197 0.948   6.459   1.00 12.41 ? 2716 PRO A CB  1 
ATOM   662 C CG  . PRO A 1 87 ? -9.795  1.963   7.553   1.00 12.68 ? 2716 PRO A CG  1 
ATOM   663 C CD  . PRO A 1 87 ? -8.313  1.957   7.512   1.00 11.09 ? 2716 PRO A CD  1 
ATOM   664 N N   . GLY A 1 88 ? -9.180  -2.110  5.201   1.00 11.52 ? 2717 GLY A N   1 
ATOM   665 C CA  . GLY A 1 88 ? -8.948  -2.859  3.983   1.00 10.78 ? 2717 GLY A CA  1 
ATOM   666 C C   . GLY A 1 88 ? -7.714  -3.729  3.989   1.00 10.23 ? 2717 GLY A C   1 
ATOM   667 O O   . GLY A 1 88 ? -7.606  -4.681  3.234   1.00 11.54 ? 2717 GLY A O   1 
ATOM   668 N N   . SER A 1 89 ? -6.765  -3.432  4.861   1.00 9.74  ? 2718 SER A N   1 
ATOM   669 C CA  . SER A 1 89 ? -5.549  -4.214  4.933   1.00 8.90  ? 2718 SER A CA  1 
ATOM   670 C C   . SER A 1 89 ? -5.765  -5.390  5.859   1.00 9.80  ? 2718 SER A C   1 
ATOM   671 O O   . SER A 1 89 ? -6.330  -5.201  6.943   1.00 12.27 ? 2718 SER A O   1 
ATOM   672 C CB  . SER A 1 89 ? -4.397  -3.332  5.446   1.00 8.33  ? 2718 SER A CB  1 
ATOM   673 O OG  . SER A 1 89 ? -3.159  -3.986  5.427   1.00 9.24  ? 2718 SER A OG  1 
ATOM   674 N N   . PRO A 1 90 ? -5.292  -6.588  5.510   1.00 9.40  ? 2719 PRO A N   1 
ATOM   675 C CA  . PRO A 1 90 ? -4.526  -6.886  4.297   1.00 9.00  ? 2719 PRO A CA  1 
ATOM   676 C C   . PRO A 1 90 ? -5.327  -6.998  3.028   1.00 9.06  ? 2719 PRO A C   1 
ATOM   677 O O   . PRO A 1 90 ? -6.448  -7.533  3.007   1.00 9.72  ? 2719 PRO A O   1 
ATOM   678 C CB  . PRO A 1 90 ? -3.912  -8.256  4.602   1.00 10.10 ? 2719 PRO A CB  1 
ATOM   679 C CG  . PRO A 1 90 ? -4.829  -8.864  5.589   1.00 13.21 ? 2719 PRO A CG  1 
ATOM   680 C CD  . PRO A 1 90 ? -5.393  -7.755  6.392   1.00 10.55 ? 2719 PRO A CD  1 
ATOM   681 N N   . PHE A 1 91 ? -4.712  -6.497  1.961   1.00 8.08  ? 2720 PHE A N   1 
ATOM   682 C CA  . PHE A 1 91 ? -5.277  -6.561  0.625   1.00 8.31  ? 2720 PHE A CA  1 
ATOM   683 C C   . PHE A 1 91 ? -4.737  -7.776  -0.096  1.00 8.67  ? 2720 PHE A C   1 
ATOM   684 O O   . PHE A 1 91 ? -3.554  -8.101  -0.030  1.00 10.26 ? 2720 PHE A O   1 
ATOM   685 C CB  . PHE A 1 91 ? -4.921  -5.323  -0.184  1.00 8.52  ? 2720 PHE A CB  1 
ATOM   686 C CG  . PHE A 1 91 ? -5.399  -4.040  0.429   1.00 8.96  ? 2720 PHE A CG  1 
ATOM   687 C CD1 . PHE A 1 91 ? -6.669  -3.569  0.135   1.00 9.79  ? 2720 PHE A CD1 1 
ATOM   688 C CD2 . PHE A 1 91 ? -4.583  -3.283  1.269   1.00 9.35  ? 2720 PHE A CD2 1 
ATOM   689 C CE1 . PHE A 1 91 ? -7.130  -2.404  0.686   1.00 9.49  ? 2720 PHE A CE1 1 
ATOM   690 C CE2 . PHE A 1 91 ? -5.059  -2.110  1.835   1.00 11.34 ? 2720 PHE A CE2 1 
ATOM   691 C CZ  . PHE A 1 91 ? -6.331  -1.667  1.529   1.00 10.23 ? 2720 PHE A CZ  1 
ATOM   692 N N   . LYS A 1 92 ? -5.614  -8.441  -0.833  1.00 10.73 ? 2721 LYS A N   1 
ATOM   693 C CA  . LYS A 1 92 ? -5.252  -9.586  -1.662  1.00 9.62  ? 2721 LYS A CA  1 
ATOM   694 C C   . LYS A 1 92 ? -4.995  -9.115  -3.080  1.00 10.48 ? 2721 LYS A C   1 
ATOM   695 O O   . LYS A 1 92 ? -5.877  -8.574  -3.745  1.00 12.83 ? 2721 LYS A O   1 
ATOM   696 C CB  . LYS A 1 92 ? -6.374  -10.614 -1.671  1.00 12.47 ? 2721 LYS A CB  1 
ATOM   697 C CG  . LYS A 1 92 ? -6.762  -11.050 -0.292  1.00 15.84 ? 2721 LYS A CG  1 
ATOM   698 C CD  . LYS A 1 92 ? -7.908  -12.048 -0.322  1.00 19.35 ? 2721 LYS A CD  1 
ATOM   699 C CE  . LYS A 1 92 ? -9.118  -11.563 -1.169  1.00 18.69 ? 2721 LYS A CE  1 
ATOM   700 N NZ  . LYS A 1 92 ? -10.212 -12.564 -1.200  1.00 23.16 ? 2721 LYS A NZ  1 
ATOM   701 N N   . VAL A 1 93 ? -3.804  -9.375  -3.570  1.00 9.13  ? 2722 VAL A N   1 
ATOM   702 C CA  . VAL A 1 93 ? -3.414  -8.893  -4.887  1.00 8.75  ? 2722 VAL A CA  1 
ATOM   703 C C   . VAL A 1 93 ? -3.141  -10.077 -5.780  1.00 8.91  ? 2722 VAL A C   1 
ATOM   704 O O   . VAL A 1 93 ? -2.238  -10.862 -5.516  1.00 9.97  ? 2722 VAL A O   1 
ATOM   705 C CB  . VAL A 1 93 ? -2.166  -8.015  -4.811  1.00 8.50  ? 2722 VAL A CB  1 
ATOM   706 C CG1 . VAL A 1 93 ? -1.711  -7.646  -6.194  1.00 9.92  ? 2722 VAL A CG1 1 
ATOM   707 C CG2 . VAL A 1 93 ? -2.449  -6.769  -4.003  1.00 9.91  ? 2722 VAL A CG2 1 
ATOM   708 N N   . LYS A 1 94 ? -3.896  -10.215 -6.866  1.00 9.11  ? 2723 LYS A N   1 
ATOM   709 C CA  . LYS A 1 94 ? -3.570  -11.234 -7.834  1.00 9.13  ? 2723 LYS A CA  1 
ATOM   710 C C   . LYS A 1 94 ? -2.581  -10.739 -8.853  1.00 9.31  ? 2723 LYS A C   1 
ATOM   711 O O   . LYS A 1 94 ? -2.757  -9.671  -9.426  1.00 10.14 ? 2723 LYS A O   1 
ATOM   712 C CB  . LYS A 1 94 ? -4.819  -11.708 -8.561  1.00 10.68 ? 2723 LYS A CB  1 
ATOM   713 C CG  . LYS A 1 94 ? -4.571  -12.950 -9.429  1.00 15.28 ? 2723 LYS A CG  1 
ATOM   714 C CD  . LYS A 1 94 ? -5.889  -13.483 -10.005 1.00 20.96 ? 2723 LYS A CD  1 
ATOM   715 C CE  . LYS A 1 94 ? -5.702  -14.746 -10.828 1.00 23.97 ? 2723 LYS A CE  1 
ATOM   716 N NZ  . LYS A 1 94 ? -4.332  -14.938 -11.290 1.00 26.15 ? 2723 LYS A NZ  1 
ATOM   717 N N   . VAL A 1 95 ? -1.547  -11.524 -9.084  1.00 8.25  ? 2724 VAL A N   1 
ATOM   718 C CA  . VAL A 1 95 ? -0.613  -11.300 -10.167 1.00 8.65  ? 2724 VAL A CA  1 
ATOM   719 C C   . VAL A 1 95 ? -0.864  -12.434 -11.152 1.00 9.78  ? 2724 VAL A C   1 
ATOM   720 O O   . VAL A 1 95 ? -0.395  -13.551 -10.947 1.00 10.37 ? 2724 VAL A O   1 
ATOM   721 C CB  . VAL A 1 95 ? 0.839   -11.265 -9.682  1.00 7.91  ? 2724 VAL A CB  1 
ATOM   722 C CG1 . VAL A 1 95 ? 1.779   -10.986 -10.814 1.00 8.95  ? 2724 VAL A CG1 1 
ATOM   723 C CG2 . VAL A 1 95 ? 0.971   -10.202 -8.564  1.00 10.40 ? 2724 VAL A CG2 1 
ATOM   724 N N   . PRO A 1 96 ? -1.624  -12.161 -12.212 1.00 11.56 ? 2725 PRO A N   1 
ATOM   725 C CA  . PRO A 1 96 ? -2.029  -13.218 -13.143 1.00 13.58 ? 2725 PRO A CA  1 
ATOM   726 C C   . PRO A 1 96 ? -0.889  -13.639 -14.047 1.00 15.73 ? 2725 PRO A C   1 
ATOM   727 O O   . PRO A 1 96 ? 0.051   -12.864 -14.247 1.00 17.11 ? 2725 PRO A O   1 
ATOM   728 C CB  . PRO A 1 96 ? -3.155  -12.569 -13.962 1.00 14.88 ? 2725 PRO A CB  1 
ATOM   729 C CG  . PRO A 1 96 ? -2.948  -11.113 -13.831 1.00 15.54 ? 2725 PRO A CG  1 
ATOM   730 C CD  . PRO A 1 96 ? -2.232  -10.862 -12.530 1.00 11.20 ? 2725 PRO A CD  1 
ATOM   731 O OXT . PRO A 1 96 ? -0.951  -14.784 -14.525 1.00 16.72 ? 2725 PRO A OXT 1 
HETATM 732 O O   . HOH B 2 .  ? 1.841   15.094  16.231  1.00 27.97 ? 2001 HOH A O   1 
HETATM 733 O O   . HOH B 2 .  ? -12.212 4.207   3.987   1.00 27.93 ? 2002 HOH A O   1 
HETATM 734 O O   . HOH B 2 .  ? -9.133  10.774  14.467  1.00 17.88 ? 2003 HOH A O   1 
HETATM 735 O O   . HOH B 2 .  ? -10.999 9.820   6.237   1.00 19.67 ? 2004 HOH A O   1 
HETATM 736 O O   . HOH B 2 .  ? -7.171  10.263  5.677   1.00 13.59 ? 2005 HOH A O   1 
HETATM 737 O O   . HOH B 2 .  ? -11.060 5.191   6.238   1.00 18.33 ? 2006 HOH A O   1 
HETATM 738 O O   . HOH B 2 .  ? -7.134  7.479   -1.113  1.00 24.53 ? 2007 HOH A O   1 
HETATM 739 O O   . HOH B 2 .  ? -9.741  0.021   -0.295  1.00 20.45 ? 2008 HOH A O   1 
HETATM 740 O O   . HOH B 2 .  ? -10.356 3.122   2.005   1.00 15.01 ? 2009 HOH A O   1 
HETATM 741 O O   . HOH B 2 .  ? -14.156 5.809   -3.890  1.00 26.52 ? 2010 HOH A O   1 
HETATM 742 O O   . HOH B 2 .  ? -9.584  0.581   -4.932  1.00 15.20 ? 2011 HOH A O   1 
HETATM 743 O O   . HOH B 2 .  ? -7.215  -3.642  -10.359 1.00 17.31 ? 2012 HOH A O   1 
HETATM 744 O O   . HOH B 2 .  ? -7.737  -6.384  -2.412  1.00 24.43 ? 2013 HOH A O   1 
HETATM 745 O O   . HOH B 2 .  ? -7.764  -9.375  -5.950  1.00 22.28 ? 2014 HOH A O   1 
HETATM 746 O O   . HOH B 2 .  ? -8.341  -2.406  -6.720  1.00 14.75 ? 2015 HOH A O   1 
HETATM 747 O O   . HOH B 2 .  ? -2.104  -2.960  -11.232 1.00 13.15 ? 2016 HOH A O   1 
HETATM 748 O O   . HOH B 2 .  ? 5.520   -5.389  -11.860 1.00 11.80 ? 2017 HOH A O   1 
HETATM 749 O O   . HOH B 2 .  ? 2.082   -9.064  -16.932 1.00 18.63 ? 2018 HOH A O   1 
HETATM 750 O O   . HOH B 2 .  ? -2.989  -2.714  -15.987 1.00 20.44 ? 2019 HOH A O   1 
HETATM 751 O O   . HOH B 2 .  ? 4.219   0.405   -16.267 1.00 17.32 ? 2020 HOH A O   1 
HETATM 752 O O   . HOH B 2 .  ? -0.598  -1.545  -13.744 1.00 24.48 ? 2021 HOH A O   1 
HETATM 753 O O   . HOH B 2 .  ? -2.031  -0.289  -10.851 1.00 12.54 ? 2022 HOH A O   1 
HETATM 754 O O   . HOH B 2 .  ? 0.545   2.345   -11.898 1.00 17.45 ? 2023 HOH A O   1 
HETATM 755 O O   . HOH B 2 .  ? -4.259  14.652  9.927   1.00 22.50 ? 2024 HOH A O   1 
HETATM 756 O O   . HOH B 2 .  ? -9.646  12.524  2.933   1.00 25.76 ? 2025 HOH A O   1 
HETATM 757 O O   . HOH B 2 .  ? -7.354  12.142  12.918  1.00 18.74 ? 2026 HOH A O   1 
HETATM 758 O O   . HOH B 2 .  ? -2.249  13.525  8.356   1.00 20.58 ? 2027 HOH A O   1 
HETATM 759 O O   . HOH B 2 .  ? 1.575   11.021  16.386  1.00 23.19 ? 2028 HOH A O   1 
HETATM 760 O O   . HOH B 2 .  ? 5.678   11.110  9.354   1.00 19.83 ? 2029 HOH A O   1 
HETATM 761 O O   . HOH B 2 .  ? 2.287   12.662  9.343   1.00 22.36 ? 2030 HOH A O   1 
HETATM 762 O O   . HOH B 2 .  ? 5.962   4.516   3.278   1.00 18.69 ? 2031 HOH A O   1 
HETATM 763 O O   . HOH B 2 .  ? 7.021   6.125   6.106   1.00 13.67 ? 2032 HOH A O   1 
HETATM 764 O O   . HOH B 2 .  ? 8.175   -0.621  2.887   1.00 15.39 ? 2033 HOH A O   1 
HETATM 765 O O   . HOH B 2 .  ? 8.280   -8.945  -0.852  1.00 21.58 ? 2034 HOH A O   1 
HETATM 766 O O   . HOH B 2 .  ? 4.584   -17.345 3.777   1.00 21.05 ? 2035 HOH A O   1 
HETATM 767 O O   . HOH B 2 .  ? 9.020   -13.663 -0.788  1.00 22.05 ? 2036 HOH A O   1 
HETATM 768 O O   . HOH B 2 .  ? 5.741   -14.635 -4.607  1.00 14.98 ? 2037 HOH A O   1 
HETATM 769 O O   . HOH B 2 .  ? 7.640   -10.679 -7.190  1.00 12.37 ? 2038 HOH A O   1 
HETATM 770 O O   . HOH B 2 .  ? 11.174  -4.217  -2.787  1.00 16.72 ? 2039 HOH A O   1 
HETATM 771 O O   . HOH B 2 .  ? 12.191  -9.599  -6.666  1.00 24.12 ? 2040 HOH A O   1 
HETATM 772 O O   . HOH B 2 .  ? 12.477  2.111   -11.406 1.00 16.15 ? 2041 HOH A O   1 
HETATM 773 O O   . HOH B 2 .  ? 10.955  -3.622  -10.994 1.00 17.42 ? 2042 HOH A O   1 
HETATM 774 O O   . HOH B 2 .  ? 9.364   0.191   -12.330 1.00 32.95 ? 2043 HOH A O   1 
HETATM 775 O O   . HOH B 2 .  ? 1.287   19.024  -3.156  1.00 20.30 ? 2044 HOH A O   1 
HETATM 776 O O   . HOH B 2 .  ? -7.309  17.231  4.322   1.00 24.17 ? 2045 HOH A O   1 
HETATM 777 O O   . HOH B 2 .  ? 4.903   8.348   5.856   1.00 18.62 ? 2046 HOH A O   1 
HETATM 778 O O   . HOH B 2 .  ? 2.494   11.110  7.321   1.00 23.84 ? 2047 HOH A O   1 
HETATM 779 O O   . HOH B 2 .  ? 4.358   6.262   -6.594  1.00 20.58 ? 2048 HOH A O   1 
HETATM 780 O O   . HOH B 2 .  ? 4.493   5.765   -10.303 1.00 15.20 ? 2049 HOH A O   1 
HETATM 781 O O   . HOH B 2 .  ? 8.242   -6.554  -13.196 1.00 15.80 ? 2050 HOH A O   1 
HETATM 782 O O   . HOH B 2 .  ? 9.896   -11.172 -14.248 1.00 27.28 ? 2051 HOH A O   1 
HETATM 783 O O   . HOH B 2 .  ? 5.689   -15.833 -13.246 1.00 18.77 ? 2052 HOH A O   1 
HETATM 784 O O   . HOH B 2 .  ? 4.770   -16.215 -6.607  1.00 17.81 ? 2053 HOH A O   1 
HETATM 785 O O   . HOH B 2 .  ? 2.605   -11.657 -17.575 1.00 24.10 ? 2054 HOH A O   1 
HETATM 786 O O   . HOH B 2 .  ? 3.455   -18.822 -9.506  1.00 24.33 ? 2055 HOH A O   1 
HETATM 787 O O   . HOH B 2 .  ? -3.555  -13.048 -1.778  1.00 14.28 ? 2056 HOH A O   1 
HETATM 788 O O   . HOH B 2 .  ? -0.562  -17.106 -2.205  1.00 19.46 ? 2057 HOH A O   1 
HETATM 789 O O   . HOH B 2 .  ? -7.012  -14.030 -2.791  1.00 24.14 ? 2058 HOH A O   1 
HETATM 790 O O   . HOH B 2 .  ? -3.393  -16.284 -8.017  1.00 16.03 ? 2059 HOH A O   1 
HETATM 791 O O   . HOH B 2 .  ? 0.743   -17.572 -4.847  1.00 17.14 ? 2060 HOH A O   1 
HETATM 792 O O   . HOH B 2 .  ? -2.818  -5.276  7.752   1.00 17.55 ? 2061 HOH A O   1 
HETATM 793 O O   . HOH B 2 .  ? -3.435  -3.792  13.092  1.00 29.26 ? 2062 HOH A O   1 
HETATM 794 O O   . HOH B 2 .  ? -7.928  1.015   10.745  1.00 17.99 ? 2063 HOH A O   1 
HETATM 795 O O   . HOH B 2 .  ? -10.034 0.290   2.294   1.00 18.56 ? 2064 HOH A O   1 
HETATM 796 O O   . HOH B 2 .  ? -7.646  2.504   3.991   1.00 12.23 ? 2065 HOH A O   1 
HETATM 797 O O   . HOH B 2 .  ? -9.359  -5.580  1.406   1.00 15.62 ? 2066 HOH A O   1 
HETATM 798 O O   . HOH B 2 .  ? -7.746  -3.550  8.598   1.00 22.43 ? 2067 HOH A O   1 
HETATM 799 O O   . HOH B 2 .  ? -8.537  -7.490  4.856   1.00 19.73 ? 2068 HOH A O   1 
HETATM 800 O O   . HOH B 2 .  ? -8.790  -8.345  -3.884  1.00 25.45 ? 2069 HOH A O   1 
HETATM 801 O O   . HOH B 2 .  ? -12.518 -11.401 -2.587  1.00 28.09 ? 2070 HOH A O   1 
HETATM 802 O O   . HOH B 2 .  ? -1.692  -15.848 -10.130 1.00 19.82 ? 2071 HOH A O   1 
HETATM 803 O O   . HOH B 2 .  ? 1.303   -10.462 -14.582 1.00 14.09 ? 2072 HOH A O   1 
HETATM 804 O O   . HOH B 2 .  ? -2.141  -16.902 -13.582 1.00 27.38 ? 2073 HOH A O   1 
# 
